data_7OG2
#
_entry.id   7OG2
#
_cell.length_a   92.045
_cell.length_b   134.159
_cell.length_c   251.920
_cell.angle_alpha   90.000
_cell.angle_beta   90.000
_cell.angle_gamma   90.000
#
_symmetry.space_group_name_H-M   'I 2 2 2'
#
loop_
_entity.id
_entity.type
_entity.pdbx_description
1 polymer 'Amine oxidoreductase'
2 non-polymer 'FLAVIN-ADENINE DINUCLEOTIDE'
3 non-polymer GLYCEROL
4 non-polymer 'CHLORIDE ION'
5 non-polymer 'PLATINUM (II) ION'
6 water water
#
_entity_poly.entity_id   1
_entity_poly.type   'polypeptide(L)'
_entity_poly.pdbx_seq_one_letter_code
;MTHYTFGKEITDKQLPSQVKVAIVGAGMSGLYSAWRLQQEANCQDLAIFERSDRTGGRLDSDLIEFKNLRSDEPKTITVK
EEQGGMRFLFDGMDDLMALFLKLNLQDDIVPFPMNSGGNNRLFFRGESFSVSDAQQDDYAIWSHLYNLDQSEQGVNPKDI
VNVVFNRILEANPQFQQRPKVRGPQFWQDFRLECQWKGQGLNQWTLWDLYTDMGYSQECITMLYRVLGFNGTFLSQMNAG
VAYQLLEDFPAGVKFKTFKDGFSTLPNKLVEEVGTNNIHLQTTIEEIDFNEESGLYELSYAHIDAHGKIHKGLVKAEKVI
LGLPRLALEKLFVRSNVINRLDQDRSELLWNTLQSASNQPLLKINLYYDSAWWGRGTTGRPAVEFGPNFADLPTGSVYPF
YAVNEELAAALMYEERTTHPSDAVEAKLERIGNDKYERPAALTIYCDYLNINFWSNLQNIGETYHNPKQDHYVENVPDDI
YPASTAVVEQATRFFKDIFNTHYVPAPVLTSARIWEGSVKFDIPANRQFGYGVHQWAVGANDKEVMATLSEPLPNLFTCG
EAFSDYQGWVEGALRSTDLALEKGFGLKPLSQAYFESTHISSSDAIKAVYEENSSKLINQYIETNFAASAAPIEKADDEQ
SVIGVNLSYFDVK
;
_entity_poly.pdbx_strand_id   A,B
#
loop_
_chem_comp.id
_chem_comp.type
_chem_comp.name
_chem_comp.formula
CL non-polymer 'CHLORIDE ION' 'Cl -1'
FAD non-polymer 'FLAVIN-ADENINE DINUCLEOTIDE' 'C27 H33 N9 O15 P2'
GOL non-polymer GLYCEROL 'C3 H8 O3'
PT non-polymer 'PLATINUM (II) ION' 'Pt 2'
#
# COMPACT_ATOMS: atom_id res chain seq x y z
N ILE A 10 -12.90 2.13 -36.42
CA ILE A 10 -13.40 0.86 -36.93
C ILE A 10 -12.41 -0.27 -36.74
N THR A 11 -12.73 -1.21 -35.83
CA THR A 11 -11.97 -2.43 -35.68
C THR A 11 -12.94 -3.62 -35.62
N ASP A 12 -12.52 -4.75 -36.16
CA ASP A 12 -13.36 -5.93 -36.26
C ASP A 12 -12.58 -7.15 -35.78
N LYS A 13 -13.01 -8.34 -36.22
CA LYS A 13 -12.49 -9.56 -35.61
C LYS A 13 -12.51 -10.73 -36.58
N GLN A 14 -11.39 -11.45 -36.64
CA GLN A 14 -11.21 -12.78 -37.23
C GLN A 14 -9.73 -13.10 -37.11
N LEU A 15 -9.38 -14.26 -36.51
CA LEU A 15 -8.02 -14.25 -35.97
C LEU A 15 -7.08 -15.14 -36.79
N PRO A 16 -5.80 -14.77 -36.89
CA PRO A 16 -4.85 -15.59 -37.64
C PRO A 16 -4.36 -16.80 -36.86
N SER A 17 -3.82 -17.75 -37.61
CA SER A 17 -3.30 -19.00 -37.06
C SER A 17 -1.80 -18.95 -36.82
N GLN A 18 -1.05 -18.25 -37.67
CA GLN A 18 0.40 -18.18 -37.60
C GLN A 18 0.84 -16.77 -37.99
N VAL A 19 1.86 -16.24 -37.32
CA VAL A 19 2.48 -14.96 -37.67
C VAL A 19 3.97 -15.03 -37.37
N LYS A 20 4.76 -14.24 -38.11
CA LYS A 20 6.17 -14.07 -37.75
C LYS A 20 6.30 -13.46 -36.36
N VAL A 21 5.61 -12.35 -36.10
CA VAL A 21 5.79 -11.58 -34.88
C VAL A 21 4.43 -11.38 -34.23
N ALA A 22 4.30 -11.83 -32.99
CA ALA A 22 3.06 -11.69 -32.24
C ALA A 22 3.27 -10.62 -31.19
N ILE A 23 2.54 -9.52 -31.33
CA ILE A 23 2.62 -8.41 -30.39
C ILE A 23 1.43 -8.50 -29.46
N VAL A 24 1.69 -8.55 -28.15
CA VAL A 24 0.67 -8.63 -27.11
C VAL A 24 0.49 -7.24 -26.52
N GLY A 25 -0.71 -6.68 -26.69
CA GLY A 25 -1.00 -5.36 -26.16
C GLY A 25 -1.04 -4.24 -27.19
N ALA A 26 -2.12 -3.47 -27.19
CA ALA A 26 -2.28 -2.32 -28.05
C ALA A 26 -2.11 -1.03 -27.26
N GLY A 27 -1.17 -1.04 -26.29
CA GLY A 27 -0.73 0.19 -25.68
C GLY A 27 0.29 0.89 -26.56
N MET A 28 0.69 2.09 -26.12
CA MET A 28 1.75 2.84 -26.78
C MET A 28 2.88 1.91 -27.24
N SER A 29 3.29 0.99 -26.37
CA SER A 29 4.44 0.14 -26.65
C SER A 29 4.17 -0.84 -27.79
N GLY A 30 3.03 -1.52 -27.77
CA GLY A 30 2.73 -2.51 -28.78
C GLY A 30 2.36 -1.88 -30.11
N LEU A 31 1.67 -0.74 -30.08
CA LEU A 31 1.40 0.00 -31.30
C LEU A 31 2.70 0.50 -31.92
N TYR A 32 3.55 1.10 -31.11
CA TYR A 32 4.85 1.59 -31.57
C TYR A 32 5.70 0.46 -32.14
N SER A 33 5.71 -0.70 -31.46
CA SER A 33 6.43 -1.86 -31.98
C SER A 33 6.04 -2.15 -33.42
N ALA A 34 4.73 -2.32 -33.65
CA ALA A 34 4.25 -2.76 -34.95
C ALA A 34 4.61 -1.74 -36.03
N TRP A 35 4.46 -0.45 -35.69
CA TRP A 35 4.72 0.62 -36.64
C TRP A 35 6.18 0.59 -37.09
N ARG A 36 7.11 0.59 -36.13
CA ARG A 36 8.53 0.51 -36.46
C ARG A 36 8.85 -0.78 -37.21
N LEU A 37 8.26 -1.89 -36.79
CA LEU A 37 8.52 -3.13 -37.53
C LEU A 37 8.06 -3.02 -38.97
N GLN A 38 6.90 -2.41 -39.20
CA GLN A 38 6.36 -2.28 -40.54
C GLN A 38 7.20 -1.32 -41.38
N GLN A 39 7.38 -0.09 -40.89
CA GLN A 39 8.09 0.94 -41.66
C GLN A 39 9.55 0.58 -41.82
N GLU A 40 10.24 0.34 -40.72
CA GLU A 40 11.69 0.32 -40.69
C GLU A 40 12.27 -1.08 -40.75
N ALA A 41 11.42 -2.10 -40.93
CA ALA A 41 11.93 -3.45 -41.11
C ALA A 41 11.19 -4.22 -42.18
N ASN A 42 10.11 -3.68 -42.73
CA ASN A 42 9.30 -4.33 -43.77
C ASN A 42 8.74 -5.65 -43.24
N CYS A 43 8.44 -5.69 -41.94
CA CYS A 43 7.87 -6.89 -41.32
C CYS A 43 6.35 -6.79 -41.45
N GLN A 44 5.84 -7.28 -42.58
CA GLN A 44 4.41 -7.31 -42.83
C GLN A 44 3.82 -8.69 -42.56
N ASP A 45 4.20 -9.28 -41.43
CA ASP A 45 3.61 -10.52 -40.94
C ASP A 45 3.54 -10.45 -39.42
N LEU A 46 2.77 -9.49 -38.91
CA LEU A 46 2.61 -9.31 -37.48
C LEU A 46 1.14 -9.08 -37.14
N ALA A 47 0.82 -9.22 -35.86
CA ALA A 47 -0.52 -8.94 -35.38
C ALA A 47 -0.45 -8.42 -33.94
N ILE A 48 -1.40 -7.56 -33.58
CA ILE A 48 -1.53 -7.02 -32.23
C ILE A 48 -2.80 -7.58 -31.62
N PHE A 49 -2.65 -8.37 -30.57
CA PHE A 49 -3.78 -8.91 -29.82
C PHE A 49 -3.91 -8.09 -28.55
N GLU A 50 -5.01 -7.35 -28.43
CA GLU A 50 -5.22 -6.48 -27.29
C GLU A 50 -6.32 -7.05 -26.40
N ARG A 51 -6.13 -6.84 -25.08
CA ARG A 51 -7.02 -7.39 -24.07
C ARG A 51 -8.41 -6.78 -24.13
N SER A 52 -8.51 -5.47 -24.34
CA SER A 52 -9.79 -4.79 -24.17
C SER A 52 -10.42 -4.43 -25.53
N ASP A 53 -11.50 -3.66 -25.47
CA ASP A 53 -12.23 -3.20 -26.64
C ASP A 53 -11.76 -1.83 -27.14
N ARG A 54 -10.58 -1.39 -26.72
CA ARG A 54 -10.07 -0.12 -27.15
C ARG A 54 -8.55 -0.20 -27.29
N THR A 55 -8.04 0.46 -28.32
CA THR A 55 -6.61 0.68 -28.39
C THR A 55 -6.24 1.80 -27.44
N GLY A 56 -4.92 2.02 -27.28
CA GLY A 56 -4.41 3.11 -26.49
C GLY A 56 -3.79 2.69 -25.18
N GLY A 57 -4.29 1.62 -24.56
CA GLY A 57 -3.78 1.21 -23.27
C GLY A 57 -4.17 2.20 -22.21
N ARG A 58 -3.21 2.52 -21.34
CA ARG A 58 -3.37 3.55 -20.31
C ARG A 58 -3.60 4.98 -20.83
N LEU A 59 -3.90 5.13 -22.11
CA LEU A 59 -4.04 6.46 -22.70
C LEU A 59 -5.51 6.62 -23.09
N ASP A 60 -6.30 7.27 -22.24
CA ASP A 60 -7.73 7.40 -22.44
C ASP A 60 -8.17 8.87 -22.36
N SER A 61 -8.38 9.48 -23.53
CA SER A 61 -8.93 10.83 -23.61
C SER A 61 -10.46 10.80 -23.57
N ASP A 62 -11.03 11.86 -23.00
CA ASP A 62 -12.48 12.09 -23.01
C ASP A 62 -12.77 13.26 -23.93
N LEU A 63 -13.56 13.02 -24.97
CA LEU A 63 -14.11 14.06 -25.82
C LEU A 63 -15.59 14.18 -25.48
N ILE A 64 -16.02 15.38 -25.07
CA ILE A 64 -17.35 15.58 -24.52
C ILE A 64 -17.95 16.81 -25.16
N GLU A 65 -19.04 16.64 -25.91
CA GLU A 65 -19.68 17.74 -26.61
C GLU A 65 -20.75 18.36 -25.70
N PHE A 66 -20.55 19.62 -25.33
CA PHE A 66 -21.58 20.38 -24.64
C PHE A 66 -22.41 21.14 -25.65
N LYS A 67 -23.68 21.33 -25.34
CA LYS A 67 -24.48 22.25 -26.13
C LYS A 67 -24.00 23.67 -25.88
N ASN A 68 -23.75 24.42 -26.95
CA ASN A 68 -23.57 25.85 -26.81
C ASN A 68 -24.92 26.48 -26.49
N LEU A 69 -25.05 27.07 -25.31
CA LEU A 69 -26.33 27.64 -24.92
C LEU A 69 -26.34 29.15 -24.99
N ARG A 70 -25.18 29.78 -25.11
CA ARG A 70 -25.16 31.22 -25.23
C ARG A 70 -25.21 31.69 -26.68
N SER A 71 -24.88 30.82 -27.62
CA SER A 71 -24.95 31.14 -29.03
C SER A 71 -25.64 30.00 -29.76
N ASP A 72 -25.90 30.21 -31.05
CA ASP A 72 -26.03 29.12 -31.98
C ASP A 72 -24.83 29.00 -32.91
N GLU A 73 -23.91 29.98 -32.87
CA GLU A 73 -22.87 30.08 -33.88
C GLU A 73 -22.03 28.80 -33.97
N PRO A 74 -21.30 28.39 -32.92
CA PRO A 74 -20.86 26.98 -32.89
C PRO A 74 -21.97 26.11 -32.35
N LYS A 75 -22.20 24.96 -32.99
CA LYS A 75 -23.30 24.12 -32.57
C LYS A 75 -23.01 23.47 -31.22
N THR A 76 -21.76 23.02 -31.00
CA THR A 76 -21.38 22.42 -29.73
C THR A 76 -20.01 22.92 -29.33
N ILE A 77 -19.71 22.80 -28.03
CA ILE A 77 -18.43 23.17 -27.45
C ILE A 77 -17.82 21.92 -26.82
N THR A 78 -16.52 21.71 -27.05
CA THR A 78 -15.87 20.46 -26.71
C THR A 78 -14.93 20.69 -25.54
N VAL A 79 -15.02 19.84 -24.52
CA VAL A 79 -14.07 19.80 -23.43
C VAL A 79 -13.25 18.53 -23.63
N LYS A 80 -11.98 18.68 -24.00
CA LYS A 80 -11.07 17.55 -24.06
C LYS A 80 -10.54 17.36 -22.65
N GLU A 81 -11.04 16.33 -22.00
CA GLU A 81 -10.52 15.93 -20.71
C GLU A 81 -9.68 14.68 -20.91
N GLU A 82 -8.83 14.40 -19.93
CA GLU A 82 -8.00 13.20 -19.97
C GLU A 82 -8.22 12.42 -18.70
N GLN A 83 -8.46 11.11 -18.85
CA GLN A 83 -8.46 10.16 -17.76
C GLN A 83 -7.11 9.47 -17.62
N GLY A 84 -6.26 9.56 -18.64
CA GLY A 84 -4.92 8.98 -18.61
C GLY A 84 -3.86 9.98 -19.00
N GLY A 85 -3.14 9.69 -20.10
CA GLY A 85 -1.99 10.49 -20.45
C GLY A 85 -2.33 11.94 -20.74
N MET A 86 -1.40 12.82 -20.43
CA MET A 86 -1.62 14.26 -20.55
C MET A 86 -0.60 14.94 -21.47
N ARG A 87 0.66 15.01 -21.07
CA ARG A 87 1.53 16.14 -21.36
C ARG A 87 2.94 15.67 -21.70
N PHE A 88 3.72 16.55 -22.31
CA PHE A 88 5.10 16.22 -22.68
C PHE A 88 5.96 17.48 -22.72
N LEU A 89 7.24 17.27 -22.99
CA LEU A 89 8.26 18.29 -22.94
C LEU A 89 9.11 18.20 -24.18
N PHE A 90 9.46 19.34 -24.79
CA PHE A 90 10.32 19.28 -25.96
C PHE A 90 11.75 18.88 -25.64
N ASP A 91 12.14 18.91 -24.38
CA ASP A 91 13.46 18.44 -24.00
C ASP A 91 13.35 17.13 -23.23
N GLY A 92 14.37 16.29 -23.40
CA GLY A 92 14.46 15.03 -22.68
C GLY A 92 13.50 13.96 -23.15
N MET A 93 12.91 14.12 -24.32
CA MET A 93 11.87 13.21 -24.76
C MET A 93 12.02 12.91 -26.24
N ASP A 94 13.26 12.69 -26.68
CA ASP A 94 13.57 12.82 -28.10
C ASP A 94 12.92 11.74 -28.95
N ASP A 95 12.65 10.57 -28.38
CA ASP A 95 11.92 9.54 -29.13
C ASP A 95 10.49 9.99 -29.38
N LEU A 96 9.83 10.54 -28.37
CA LEU A 96 8.47 11.04 -28.55
C LEU A 96 8.43 12.19 -29.54
N MET A 97 9.40 13.09 -29.48
CA MET A 97 9.49 14.19 -30.44
C MET A 97 9.68 13.66 -31.87
N ALA A 98 10.53 12.65 -32.04
CA ALA A 98 10.67 12.03 -33.36
C ALA A 98 9.37 11.35 -33.79
N LEU A 99 8.74 10.62 -32.89
CA LEU A 99 7.48 9.95 -33.21
C LEU A 99 6.44 10.96 -33.69
N PHE A 100 6.27 12.07 -32.94
CA PHE A 100 5.38 13.13 -33.38
C PHE A 100 5.67 13.56 -34.81
N LEU A 101 6.95 13.89 -35.09
CA LEU A 101 7.33 14.38 -36.41
C LEU A 101 7.09 13.35 -37.50
N LYS A 102 7.57 12.12 -37.30
CA LYS A 102 7.44 11.09 -38.32
C LYS A 102 6.00 10.68 -38.55
N LEU A 103 5.09 11.00 -37.62
CA LEU A 103 3.66 10.75 -37.74
C LEU A 103 2.87 11.99 -38.15
N ASN A 104 3.57 13.12 -38.32
CA ASN A 104 3.01 14.42 -38.70
C ASN A 104 1.94 14.93 -37.72
N LEU A 105 2.26 14.86 -36.42
CA LEU A 105 1.39 15.38 -35.38
C LEU A 105 1.83 16.74 -34.85
N GLN A 106 2.86 17.35 -35.46
CA GLN A 106 3.51 18.52 -34.86
C GLN A 106 2.60 19.75 -34.82
N ASP A 107 1.63 19.85 -35.72
CA ASP A 107 0.78 21.04 -35.75
C ASP A 107 -0.38 20.96 -34.77
N ASP A 108 -0.41 19.95 -33.91
CA ASP A 108 -1.45 19.82 -32.91
C ASP A 108 -1.03 20.29 -31.53
N ILE A 109 0.28 20.45 -31.30
CA ILE A 109 0.80 20.74 -29.98
C ILE A 109 0.37 22.12 -29.52
N VAL A 110 -0.02 22.22 -28.26
CA VAL A 110 -0.45 23.49 -27.67
C VAL A 110 0.12 23.55 -26.26
N PRO A 111 0.28 24.76 -25.70
CA PRO A 111 0.89 24.88 -24.37
C PRO A 111 0.04 24.17 -23.34
N PHE A 112 0.69 23.75 -22.26
CA PHE A 112 0.02 23.16 -21.09
C PHE A 112 0.42 23.97 -19.87
N PRO A 113 -0.32 25.03 -19.54
CA PRO A 113 0.13 25.96 -18.50
C PRO A 113 0.03 25.34 -17.11
N MET A 114 0.88 25.84 -16.19
CA MET A 114 1.03 25.26 -14.87
C MET A 114 0.82 26.24 -13.72
N ASN A 115 0.46 27.50 -13.96
CA ASN A 115 0.28 28.41 -12.83
C ASN A 115 -0.77 29.47 -13.14
N SER A 116 -1.21 30.15 -12.08
CA SER A 116 -2.14 31.29 -12.15
C SER A 116 -1.49 32.53 -11.60
N GLY A 117 -0.18 32.65 -11.77
CA GLY A 117 0.53 33.80 -11.24
C GLY A 117 0.47 33.93 -9.74
N GLY A 118 0.38 32.80 -9.02
CA GLY A 118 0.35 32.81 -7.57
C GLY A 118 -1.03 32.65 -6.98
N ASN A 119 -2.07 32.74 -7.81
CA ASN A 119 -3.45 32.63 -7.34
C ASN A 119 -3.91 31.19 -7.14
N ASN A 120 -3.13 30.20 -7.58
CA ASN A 120 -3.50 28.83 -7.30
C ASN A 120 -3.70 28.64 -5.80
N ARG A 121 -4.53 27.68 -5.45
CA ARG A 121 -4.87 27.42 -4.06
C ARG A 121 -3.89 26.43 -3.44
N LEU A 122 -3.86 26.45 -2.11
CA LEU A 122 -3.16 25.48 -1.30
C LEU A 122 -4.05 25.21 -0.09
N PHE A 123 -4.22 23.95 0.29
CA PHE A 123 -5.00 23.63 1.49
C PHE A 123 -4.28 22.60 2.36
N PHE A 124 -3.77 23.06 3.51
CA PHE A 124 -2.98 22.22 4.40
C PHE A 124 -3.39 22.49 5.84
N ARG A 125 -3.35 21.44 6.65
CA ARG A 125 -3.58 21.50 8.08
C ARG A 125 -4.71 22.48 8.43
N GLY A 126 -5.82 22.37 7.70
CA GLY A 126 -7.05 23.07 7.97
C GLY A 126 -7.17 24.47 7.39
N GLU A 127 -6.13 25.01 6.75
CA GLU A 127 -6.12 26.37 6.25
C GLU A 127 -6.14 26.38 4.73
N SER A 128 -6.85 27.36 4.16
CA SER A 128 -6.95 27.56 2.72
C SER A 128 -6.28 28.87 2.33
N PHE A 129 -5.39 28.83 1.36
CA PHE A 129 -4.68 30.05 0.98
C PHE A 129 -4.14 29.92 -0.43
N SER A 130 -3.55 31.01 -0.93
CA SER A 130 -2.98 31.05 -2.27
C SER A 130 -1.49 30.70 -2.26
N VAL A 131 -0.97 30.46 -3.46
CA VAL A 131 0.47 30.37 -3.65
C VAL A 131 1.17 31.67 -3.25
N SER A 132 0.53 32.81 -3.49
CA SER A 132 1.11 34.10 -3.09
C SER A 132 1.13 34.24 -1.58
N ASP A 133 0.05 33.82 -0.91
CA ASP A 133 0.01 33.82 0.54
C ASP A 133 1.18 33.05 1.12
N ALA A 134 1.39 31.82 0.63
CA ALA A 134 2.42 30.97 1.19
C ALA A 134 3.80 31.57 1.03
N GLN A 135 3.98 32.56 0.15
CA GLN A 135 5.30 33.15 -0.02
C GLN A 135 5.55 34.32 0.93
N GLN A 136 4.49 35.03 1.33
CA GLN A 136 4.60 36.16 2.23
C GLN A 136 5.51 35.83 3.42
N ASP A 137 6.11 36.87 3.98
CA ASP A 137 6.93 36.80 5.21
C ASP A 137 7.85 35.57 5.18
N ASP A 138 8.62 35.45 4.10
CA ASP A 138 9.64 34.41 3.96
C ASP A 138 9.08 33.00 4.23
N TYR A 139 7.89 32.73 3.68
CA TYR A 139 7.26 31.42 3.81
C TYR A 139 6.86 31.15 5.26
N ALA A 140 6.37 32.20 5.93
CA ALA A 140 6.04 32.09 7.34
C ALA A 140 5.01 31.01 7.58
N ILE A 141 4.03 30.90 6.68
CA ILE A 141 2.83 30.14 7.04
C ILE A 141 3.17 28.68 7.32
N TRP A 142 4.18 28.12 6.66
CA TRP A 142 4.50 26.71 6.90
C TRP A 142 5.01 26.50 8.32
N SER A 143 5.59 27.52 8.92
CA SER A 143 6.04 27.38 10.30
C SER A 143 4.86 27.38 11.26
N HIS A 144 3.70 27.90 10.82
CA HIS A 144 2.48 27.87 11.62
C HIS A 144 1.68 26.59 11.40
N LEU A 145 1.77 26.00 10.21
CA LEU A 145 1.04 24.78 9.94
C LEU A 145 1.81 23.54 10.37
N TYR A 146 3.13 23.61 10.43
CA TYR A 146 3.92 22.46 10.81
C TYR A 146 4.88 22.85 11.92
N ASN A 147 5.04 21.97 12.89
CA ASN A 147 6.01 22.13 13.96
C ASN A 147 7.37 21.77 13.39
N LEU A 148 7.91 22.70 12.59
CA LEU A 148 9.22 22.51 11.97
C LEU A 148 10.36 22.88 12.91
N ASP A 149 11.50 22.19 12.73
CA ASP A 149 12.75 22.59 13.35
C ASP A 149 13.12 24.00 12.88
N GLN A 150 13.99 24.67 13.65
CA GLN A 150 14.39 26.03 13.26
C GLN A 150 15.04 26.05 11.88
N SER A 151 15.83 25.02 11.57
CA SER A 151 16.60 25.05 10.32
C SER A 151 15.77 24.64 9.11
N GLU A 152 14.51 24.26 9.29
CA GLU A 152 13.66 24.03 8.14
C GLU A 152 12.59 25.10 8.03
N GLN A 153 12.71 26.19 8.79
CA GLN A 153 11.79 27.32 8.72
C GLN A 153 12.30 28.39 7.72
N GLY A 154 11.37 29.27 7.33
CA GLY A 154 11.71 30.36 6.43
C GLY A 154 12.27 29.99 5.08
N VAL A 155 11.73 28.96 4.44
CA VAL A 155 12.17 28.50 3.12
C VAL A 155 10.97 27.93 2.40
N ASN A 156 10.97 28.03 1.07
CA ASN A 156 9.96 27.35 0.26
C ASN A 156 10.09 25.86 0.50
N PRO A 157 9.04 25.15 0.99
CA PRO A 157 9.12 23.70 1.18
C PRO A 157 9.80 23.00 0.01
N LYS A 158 9.37 23.36 -1.22
CA LYS A 158 9.89 22.75 -2.44
C LYS A 158 11.42 22.91 -2.55
N ASP A 159 11.98 24.01 -2.05
CA ASP A 159 13.42 24.20 -2.18
C ASP A 159 14.23 23.26 -1.29
N ILE A 160 13.61 22.70 -0.25
CA ILE A 160 14.28 21.67 0.54
C ILE A 160 14.65 20.48 -0.34
N VAL A 161 13.73 20.09 -1.23
CA VAL A 161 14.05 19.07 -2.23
C VAL A 161 15.23 19.51 -3.10
N ASN A 162 15.25 20.77 -3.53
CA ASN A 162 16.40 21.23 -4.32
C ASN A 162 17.69 21.11 -3.51
N VAL A 163 17.66 21.57 -2.26
CA VAL A 163 18.87 21.58 -1.44
C VAL A 163 19.37 20.17 -1.19
N VAL A 164 18.48 19.23 -0.88
CA VAL A 164 18.96 17.87 -0.68
C VAL A 164 19.57 17.34 -1.97
N PHE A 165 18.96 17.67 -3.11
CA PHE A 165 19.54 17.25 -4.39
C PHE A 165 20.97 17.73 -4.53
N ASN A 166 21.19 19.03 -4.30
CA ASN A 166 22.54 19.58 -4.31
C ASN A 166 23.45 18.86 -3.32
N ARG A 167 22.92 18.50 -2.15
CA ARG A 167 23.75 17.86 -1.12
C ARG A 167 24.20 16.46 -1.55
N ILE A 168 23.34 15.72 -2.26
CA ILE A 168 23.75 14.39 -2.72
C ILE A 168 24.89 14.50 -3.72
N LEU A 169 24.86 15.51 -4.59
CA LEU A 169 25.93 15.71 -5.57
C LEU A 169 27.22 16.11 -4.87
N GLU A 170 27.17 17.15 -4.06
CA GLU A 170 28.37 17.60 -3.36
C GLU A 170 29.01 16.46 -2.59
N ALA A 171 28.18 15.58 -2.01
CA ALA A 171 28.69 14.40 -1.35
C ALA A 171 29.21 13.34 -2.32
N ASN A 172 29.00 13.49 -3.63
CA ASN A 172 29.46 12.51 -4.61
C ASN A 172 30.31 13.20 -5.67
N PRO A 173 31.50 13.66 -5.29
CA PRO A 173 32.33 14.38 -6.25
C PRO A 173 32.75 13.50 -7.41
N GLN A 174 32.63 12.17 -7.26
CA GLN A 174 32.98 11.25 -8.34
C GLN A 174 31.92 11.19 -9.43
N PHE A 175 30.76 11.79 -9.19
CA PHE A 175 29.68 11.90 -10.18
C PHE A 175 29.75 13.30 -10.78
N GLN A 176 30.43 13.40 -11.92
CA GLN A 176 30.69 14.67 -12.56
C GLN A 176 29.73 14.99 -13.73
N GLN A 177 28.82 14.09 -14.08
CA GLN A 177 27.82 14.38 -15.11
C GLN A 177 27.02 15.62 -14.77
N ARG A 178 27.13 16.66 -15.60
CA ARG A 178 26.27 17.83 -15.48
C ARG A 178 25.75 18.25 -16.86
N PRO A 179 24.74 17.55 -17.39
CA PRO A 179 24.22 17.89 -18.71
C PRO A 179 23.20 19.02 -18.67
N LYS A 180 23.00 19.65 -19.83
CA LYS A 180 21.98 20.69 -19.91
C LYS A 180 20.58 20.09 -19.76
N VAL A 181 20.37 18.86 -20.22
CA VAL A 181 19.10 18.15 -20.06
C VAL A 181 19.37 16.90 -19.24
N ARG A 182 18.78 16.83 -18.05
CA ARG A 182 18.97 15.69 -17.14
C ARG A 182 17.99 14.58 -17.53
N GLY A 183 18.40 13.73 -18.48
CA GLY A 183 17.55 12.74 -19.09
C GLY A 183 17.53 11.38 -18.40
N PRO A 184 16.77 10.44 -18.95
CA PRO A 184 16.82 9.06 -18.46
C PRO A 184 18.23 8.51 -18.22
N GLN A 185 19.17 8.75 -19.14
CA GLN A 185 20.53 8.25 -18.96
C GLN A 185 21.17 8.85 -17.72
N PHE A 186 20.90 10.12 -17.47
CA PHE A 186 21.50 10.78 -16.31
C PHE A 186 20.96 10.20 -15.02
N TRP A 187 19.64 10.18 -14.88
CA TRP A 187 19.00 9.71 -13.66
C TRP A 187 19.36 8.25 -13.37
N GLN A 188 19.43 7.42 -14.41
CA GLN A 188 19.89 6.04 -14.19
C GLN A 188 21.30 6.02 -13.63
N ASP A 189 22.20 6.77 -14.24
CA ASP A 189 23.54 6.88 -13.69
C ASP A 189 23.50 7.46 -12.28
N PHE A 190 22.66 8.46 -12.08
CA PHE A 190 22.48 9.08 -10.77
C PHE A 190 22.03 8.06 -9.74
N ARG A 191 20.94 7.33 -10.01
CA ARG A 191 20.41 6.44 -9.00
C ARG A 191 21.29 5.22 -8.78
N LEU A 192 22.15 4.88 -9.74
CA LEU A 192 23.00 3.72 -9.58
C LEU A 192 24.47 4.07 -9.27
N GLU A 193 24.87 5.34 -9.40
CA GLU A 193 26.25 5.74 -9.09
C GLU A 193 26.39 6.63 -7.85
N CYS A 194 25.42 7.49 -7.57
CA CYS A 194 25.52 8.31 -6.36
C CYS A 194 25.14 7.51 -5.13
N GLN A 195 25.90 7.71 -4.04
CA GLN A 195 25.67 7.01 -2.79
C GLN A 195 25.44 8.01 -1.66
N TRP A 196 24.92 7.50 -0.55
CA TRP A 196 24.79 8.25 0.69
C TRP A 196 25.09 7.31 1.86
N LYS A 197 26.10 7.66 2.66
CA LYS A 197 26.58 6.81 3.74
C LYS A 197 26.92 5.41 3.21
N GLY A 198 27.58 5.37 2.07
CA GLY A 198 28.20 4.15 1.61
C GLY A 198 27.31 3.24 0.79
N GLN A 199 26.10 3.69 0.46
CA GLN A 199 25.09 2.84 -0.15
C GLN A 199 24.43 3.58 -1.31
N GLY A 200 24.24 2.87 -2.41
CA GLY A 200 23.66 3.49 -3.58
C GLY A 200 22.29 4.05 -3.28
N LEU A 201 21.93 5.11 -4.00
CA LEU A 201 20.62 5.75 -3.82
C LEU A 201 19.48 4.79 -4.15
N ASN A 202 19.73 3.81 -5.01
CA ASN A 202 18.73 2.77 -5.24
C ASN A 202 18.50 1.91 -4.00
N GLN A 203 19.35 2.03 -2.98
CA GLN A 203 19.16 1.33 -1.71
C GLN A 203 18.31 2.14 -0.72
N TRP A 204 17.90 3.34 -1.07
CA TRP A 204 17.26 4.27 -0.14
C TRP A 204 15.82 4.55 -0.56
N THR A 205 14.94 4.75 0.42
CA THR A 205 13.72 5.51 0.19
C THR A 205 13.96 6.97 0.54
N LEU A 206 13.06 7.84 0.07
CA LEU A 206 13.15 9.24 0.46
C LEU A 206 12.81 9.42 1.92
N TRP A 207 11.78 8.69 2.41
CA TRP A 207 11.43 8.71 3.82
C TRP A 207 12.65 8.42 4.69
N ASP A 208 13.34 7.32 4.41
CA ASP A 208 14.52 6.95 5.19
C ASP A 208 15.64 7.96 5.00
N LEU A 209 15.77 8.49 3.78
CA LEU A 209 16.89 9.36 3.45
C LEU A 209 16.81 10.67 4.20
N TYR A 210 15.72 11.43 4.01
CA TYR A 210 15.52 12.67 4.75
C TYR A 210 15.60 12.46 6.25
N THR A 211 15.03 11.36 6.76
CA THR A 211 15.09 11.11 8.18
C THR A 211 16.53 10.87 8.63
N ASP A 212 17.32 10.20 7.81
CA ASP A 212 18.73 10.07 8.13
C ASP A 212 19.42 11.42 8.09
N MET A 213 19.08 12.25 7.10
CA MET A 213 19.74 13.55 7.01
C MET A 213 19.33 14.49 8.13
N GLY A 214 18.39 14.08 8.98
CA GLY A 214 18.00 14.86 10.15
C GLY A 214 16.73 15.67 10.02
N TYR A 215 15.95 15.48 8.96
CA TYR A 215 14.72 16.23 8.85
C TYR A 215 13.68 15.72 9.85
N SER A 216 12.89 16.64 10.39
CA SER A 216 11.86 16.24 11.32
C SER A 216 10.76 15.56 10.53
N GLN A 217 10.03 14.68 11.22
CA GLN A 217 8.87 14.08 10.56
C GLN A 217 7.83 15.13 10.20
N GLU A 218 7.71 16.21 10.98
CA GLU A 218 6.81 17.30 10.61
C GLU A 218 7.21 17.90 9.28
N CYS A 219 8.51 17.99 9.05
CA CYS A 219 8.99 18.49 7.77
C CYS A 219 8.67 17.49 6.65
N ILE A 220 9.03 16.22 6.86
CA ILE A 220 8.82 15.21 5.83
C ILE A 220 7.35 15.10 5.47
N THR A 221 6.46 15.14 6.46
CA THR A 221 5.03 15.21 6.14
C THR A 221 4.74 16.41 5.25
N MET A 222 5.15 17.62 5.67
CA MET A 222 4.95 18.81 4.84
C MET A 222 5.39 18.57 3.40
N LEU A 223 6.58 18.00 3.23
CA LEU A 223 7.11 17.74 1.89
C LEU A 223 6.19 16.84 1.07
N TYR A 224 5.83 15.67 1.59
CA TYR A 224 5.08 14.74 0.77
C TYR A 224 3.63 15.16 0.56
N ARG A 225 3.13 16.13 1.32
CA ARG A 225 1.80 16.62 1.00
C ARG A 225 1.82 17.76 0.00
N VAL A 226 2.79 18.67 0.11
CA VAL A 226 2.81 19.82 -0.81
C VAL A 226 3.18 19.36 -2.20
N LEU A 227 4.00 18.32 -2.32
CA LEU A 227 4.31 17.78 -3.64
C LEU A 227 3.09 17.18 -4.35
N GLY A 228 1.95 17.07 -3.68
CA GLY A 228 0.77 16.53 -4.32
C GLY A 228 0.75 15.01 -4.40
N PHE A 229 1.91 14.41 -4.63
CA PHE A 229 2.03 12.97 -4.70
C PHE A 229 2.91 12.50 -3.55
N ASN A 230 2.35 11.65 -2.69
CA ASN A 230 3.04 11.17 -1.51
C ASN A 230 3.74 9.83 -1.70
N GLY A 231 3.67 9.24 -2.90
CA GLY A 231 4.31 7.95 -3.13
C GLY A 231 5.82 8.00 -3.18
N THR A 232 6.40 9.19 -3.38
CA THR A 232 7.85 9.30 -3.42
C THR A 232 8.47 9.11 -2.05
N PHE A 233 7.69 9.25 -0.99
CA PHE A 233 8.17 9.07 0.37
C PHE A 233 7.69 7.78 1.02
N LEU A 234 6.43 7.40 0.83
CA LEU A 234 5.83 6.31 1.59
C LEU A 234 5.77 5.00 0.84
N SER A 235 6.00 5.01 -0.45
CA SER A 235 5.88 3.79 -1.23
C SER A 235 7.24 3.11 -1.20
N GLN A 236 7.44 2.11 -2.04
CA GLN A 236 8.69 1.37 -2.02
C GLN A 236 9.57 1.70 -3.20
N MET A 237 9.34 2.83 -3.86
CA MET A 237 10.24 3.25 -4.94
C MET A 237 11.52 3.82 -4.31
N ASN A 238 12.67 3.50 -4.90
CA ASN A 238 13.91 3.93 -4.28
C ASN A 238 14.10 5.43 -4.43
N ALA A 239 14.94 5.98 -3.54
CA ALA A 239 15.14 7.43 -3.47
C ALA A 239 15.71 7.98 -4.77
N GLY A 240 16.50 7.17 -5.48
CA GLY A 240 17.05 7.54 -6.77
C GLY A 240 16.00 7.89 -7.81
N VAL A 241 15.10 6.96 -8.14
CA VAL A 241 14.12 7.24 -9.18
C VAL A 241 13.13 8.29 -8.69
N ALA A 242 12.94 8.38 -7.37
CA ALA A 242 12.05 9.39 -6.81
C ALA A 242 12.49 10.78 -7.24
N TYR A 243 13.79 11.00 -7.28
CA TYR A 243 14.30 12.31 -7.64
C TYR A 243 14.11 12.58 -9.13
N GLN A 244 14.22 11.55 -9.96
CA GLN A 244 13.91 11.69 -11.37
C GLN A 244 12.51 12.25 -11.58
N LEU A 245 11.55 11.76 -10.80
CA LEU A 245 10.19 12.31 -10.89
C LEU A 245 10.14 13.76 -10.42
N LEU A 246 10.87 14.08 -9.34
CA LEU A 246 10.71 15.38 -8.73
C LEU A 246 11.47 16.47 -9.49
N GLU A 247 12.76 16.23 -9.78
CA GLU A 247 13.57 17.19 -10.54
C GLU A 247 13.41 17.00 -12.05
N ASP A 248 12.30 16.40 -12.47
CA ASP A 248 11.89 16.41 -13.87
C ASP A 248 11.20 17.71 -14.24
N PHE A 249 11.00 18.60 -13.25
CA PHE A 249 10.42 19.93 -13.43
C PHE A 249 11.57 20.93 -13.38
N PRO A 250 12.12 21.36 -14.53
CA PRO A 250 13.24 22.32 -14.49
C PRO A 250 12.83 23.74 -14.06
N ALA A 251 13.59 24.74 -14.49
CA ALA A 251 13.37 26.13 -14.11
C ALA A 251 12.01 26.64 -14.58
N GLY A 252 11.95 27.18 -15.80
CA GLY A 252 10.70 27.62 -16.38
C GLY A 252 9.90 26.48 -16.97
N VAL A 253 9.03 25.85 -16.18
CA VAL A 253 8.29 24.67 -16.60
C VAL A 253 7.33 25.06 -17.72
N LYS A 254 7.61 24.61 -18.95
CA LYS A 254 6.79 24.90 -20.13
C LYS A 254 6.35 23.58 -20.79
N PHE A 255 5.32 22.96 -20.22
CA PHE A 255 4.83 21.69 -20.72
C PHE A 255 3.94 21.88 -21.93
N LYS A 256 3.91 20.85 -22.78
CA LYS A 256 3.09 20.84 -23.98
C LYS A 256 2.09 19.70 -23.90
N THR A 257 0.94 19.89 -24.55
CA THR A 257 -0.04 18.83 -24.76
C THR A 257 -0.59 18.94 -26.17
N PHE A 258 -1.55 18.08 -26.50
CA PHE A 258 -2.17 18.03 -27.81
C PHE A 258 -3.50 18.76 -27.82
N LYS A 259 -3.79 19.43 -28.93
CA LYS A 259 -5.07 20.09 -29.15
C LYS A 259 -6.23 19.17 -28.80
N ASP A 260 -6.40 18.10 -29.59
CA ASP A 260 -7.54 17.20 -29.47
C ASP A 260 -7.40 16.20 -28.34
N GLY A 261 -6.27 16.18 -27.65
CA GLY A 261 -6.02 15.23 -26.59
C GLY A 261 -4.99 14.20 -26.98
N PHE A 262 -4.47 13.51 -25.96
CA PHE A 262 -3.37 12.57 -26.17
C PHE A 262 -3.79 11.34 -26.97
N SER A 263 -5.08 11.03 -27.03
CA SER A 263 -5.51 9.91 -27.85
C SER A 263 -5.16 10.10 -29.32
N THR A 264 -4.87 11.34 -29.75
CA THR A 264 -4.36 11.60 -31.08
C THR A 264 -3.24 10.63 -31.46
N LEU A 265 -2.31 10.40 -30.51
CA LEU A 265 -1.11 9.61 -30.81
C LEU A 265 -1.46 8.16 -31.10
N PRO A 266 -2.03 7.36 -30.18
CA PRO A 266 -2.28 5.96 -30.51
C PRO A 266 -3.30 5.80 -31.63
N ASN A 267 -4.28 6.70 -31.72
CA ASN A 267 -5.21 6.67 -32.85
C ASN A 267 -4.46 6.79 -34.18
N LYS A 268 -3.57 7.78 -34.29
CA LYS A 268 -2.79 7.92 -35.52
C LYS A 268 -1.97 6.68 -35.80
N LEU A 269 -1.42 6.08 -34.74
CA LEU A 269 -0.64 4.87 -34.91
C LEU A 269 -1.49 3.73 -35.49
N VAL A 270 -2.74 3.58 -35.03
CA VAL A 270 -3.65 2.58 -35.62
C VAL A 270 -3.79 2.80 -37.13
N GLU A 271 -4.13 4.02 -37.54
CA GLU A 271 -4.26 4.30 -38.97
C GLU A 271 -3.02 3.91 -39.75
N GLU A 272 -1.85 3.96 -39.14
CA GLU A 272 -0.63 3.66 -39.88
C GLU A 272 -0.23 2.20 -39.82
N VAL A 273 -0.71 1.44 -38.83
CA VAL A 273 -0.32 0.04 -38.69
C VAL A 273 -1.38 -0.81 -39.36
N GLY A 274 -2.62 -0.30 -39.40
CA GLY A 274 -3.70 -0.99 -40.07
C GLY A 274 -4.61 -1.76 -39.14
N THR A 275 -5.83 -1.25 -38.97
CA THR A 275 -6.81 -1.83 -38.05
C THR A 275 -6.99 -3.33 -38.26
N ASN A 276 -6.80 -3.83 -39.49
CA ASN A 276 -6.93 -5.25 -39.74
C ASN A 276 -5.86 -6.10 -39.06
N ASN A 277 -4.83 -5.49 -38.48
CA ASN A 277 -3.79 -6.23 -37.78
C ASN A 277 -3.95 -6.22 -36.27
N ILE A 278 -5.02 -5.62 -35.77
CA ILE A 278 -5.21 -5.37 -34.35
C ILE A 278 -6.54 -6.01 -33.95
N HIS A 279 -6.47 -7.08 -33.16
CA HIS A 279 -7.65 -7.83 -32.73
C HIS A 279 -8.01 -7.44 -31.29
N LEU A 280 -9.08 -6.68 -31.13
CA LEU A 280 -9.52 -6.29 -29.80
C LEU A 280 -10.18 -7.46 -29.07
N GLN A 281 -10.49 -7.22 -27.79
CA GLN A 281 -11.10 -8.21 -26.89
C GLN A 281 -10.47 -9.57 -27.10
N THR A 282 -9.14 -9.60 -27.15
CA THR A 282 -8.35 -10.82 -27.35
C THR A 282 -7.27 -10.85 -26.27
N THR A 283 -7.53 -11.60 -25.20
CA THR A 283 -6.59 -11.72 -24.09
C THR A 283 -5.69 -12.94 -24.31
N ILE A 284 -4.39 -12.71 -24.40
CA ILE A 284 -3.46 -13.81 -24.36
C ILE A 284 -3.40 -14.36 -22.94
N GLU A 285 -3.51 -15.67 -22.80
CA GLU A 285 -3.64 -16.27 -21.49
C GLU A 285 -2.42 -17.07 -21.07
N GLU A 286 -1.84 -17.86 -21.95
CA GLU A 286 -0.61 -18.54 -21.59
C GLU A 286 0.25 -18.66 -22.83
N ILE A 287 1.55 -18.79 -22.59
CA ILE A 287 2.53 -18.90 -23.66
C ILE A 287 3.33 -20.17 -23.42
N ASP A 288 3.24 -21.11 -24.34
CA ASP A 288 4.14 -22.25 -24.34
C ASP A 288 5.14 -22.08 -25.47
N PHE A 289 6.12 -22.98 -25.51
CA PHE A 289 7.08 -23.03 -26.61
C PHE A 289 7.18 -24.45 -27.12
N ASN A 290 6.68 -24.68 -28.34
CA ASN A 290 6.75 -25.99 -28.98
C ASN A 290 8.14 -26.18 -29.59
N GLU A 291 8.81 -27.27 -29.21
CA GLU A 291 10.21 -27.40 -29.63
C GLU A 291 10.34 -27.90 -31.06
N GLU A 292 9.54 -28.87 -31.47
CA GLU A 292 9.68 -29.44 -32.81
C GLU A 292 9.43 -28.38 -33.89
N SER A 293 8.34 -27.63 -33.78
CA SER A 293 8.08 -26.52 -34.68
C SER A 293 8.93 -25.30 -34.39
N GLY A 294 9.44 -25.15 -33.17
CA GLY A 294 10.28 -24.03 -32.83
C GLY A 294 9.56 -22.72 -32.64
N LEU A 295 8.23 -22.74 -32.48
CA LEU A 295 7.41 -21.54 -32.40
C LEU A 295 6.81 -21.38 -31.02
N TYR A 296 6.63 -20.14 -30.60
CA TYR A 296 5.84 -19.92 -29.39
C TYR A 296 4.37 -20.17 -29.72
N GLU A 297 3.63 -20.62 -28.71
CA GLU A 297 2.21 -20.91 -28.85
C GLU A 297 1.47 -20.00 -27.88
N LEU A 298 0.49 -19.25 -28.38
CA LEU A 298 -0.18 -18.24 -27.56
C LEU A 298 -1.66 -18.58 -27.46
N SER A 299 -2.04 -19.19 -26.34
CA SER A 299 -3.43 -19.52 -26.04
C SER A 299 -4.18 -18.23 -25.71
N TYR A 300 -5.20 -17.91 -26.50
CA TYR A 300 -5.91 -16.66 -26.33
C TYR A 300 -7.39 -16.91 -26.08
N ALA A 301 -8.06 -15.88 -25.55
CA ALA A 301 -9.50 -15.87 -25.43
C ALA A 301 -10.03 -14.61 -26.10
N HIS A 302 -11.03 -14.78 -26.96
CA HIS A 302 -11.59 -13.70 -27.75
C HIS A 302 -13.08 -13.57 -27.45
N ILE A 303 -13.53 -12.34 -27.19
CA ILE A 303 -14.96 -12.02 -27.16
C ILE A 303 -15.32 -11.47 -28.55
N ASP A 304 -16.27 -12.12 -29.23
CA ASP A 304 -16.69 -11.60 -30.53
C ASP A 304 -17.65 -10.43 -30.35
N ALA A 305 -18.15 -9.91 -31.48
CA ALA A 305 -19.02 -8.72 -31.44
C ALA A 305 -20.33 -8.96 -30.69
N HIS A 306 -20.68 -10.22 -30.41
CA HIS A 306 -21.94 -10.57 -29.75
C HIS A 306 -21.70 -11.17 -28.36
N GLY A 307 -20.63 -10.77 -27.70
CA GLY A 307 -20.33 -11.25 -26.36
C GLY A 307 -20.27 -12.75 -26.23
N LYS A 308 -19.57 -13.43 -27.14
CA LYS A 308 -19.42 -14.88 -27.10
C LYS A 308 -17.96 -15.24 -27.32
N ILE A 309 -17.46 -16.19 -26.52
CA ILE A 309 -16.03 -16.44 -26.36
C ILE A 309 -15.56 -17.50 -27.34
N HIS A 310 -14.43 -17.23 -28.01
CA HIS A 310 -13.71 -18.23 -28.80
C HIS A 310 -12.32 -18.43 -28.21
N LYS A 311 -11.92 -19.68 -28.02
CA LYS A 311 -10.63 -20.03 -27.43
C LYS A 311 -9.75 -20.57 -28.54
N GLY A 312 -8.54 -20.02 -28.66
CA GLY A 312 -7.70 -20.42 -29.77
C GLY A 312 -6.22 -20.20 -29.52
N LEU A 313 -5.43 -20.56 -30.53
CA LEU A 313 -3.99 -20.57 -30.46
C LEU A 313 -3.45 -19.76 -31.63
N VAL A 314 -2.46 -18.92 -31.36
CA VAL A 314 -1.66 -18.24 -32.39
C VAL A 314 -0.22 -18.72 -32.24
N LYS A 315 0.41 -19.07 -33.35
CA LYS A 315 1.83 -19.35 -33.33
C LYS A 315 2.61 -18.09 -33.72
N ALA A 316 3.87 -18.05 -33.29
CA ALA A 316 4.75 -16.93 -33.58
C ALA A 316 6.19 -17.41 -33.55
N GLU A 317 7.02 -16.86 -34.44
CA GLU A 317 8.47 -17.03 -34.31
C GLU A 317 9.04 -16.05 -33.31
N LYS A 318 8.47 -14.85 -33.22
CA LYS A 318 8.90 -13.84 -32.28
C LYS A 318 7.66 -13.29 -31.59
N VAL A 319 7.81 -12.96 -30.31
CA VAL A 319 6.73 -12.51 -29.46
C VAL A 319 7.19 -11.27 -28.71
N ILE A 320 6.33 -10.26 -28.61
CA ILE A 320 6.68 -8.99 -28.03
C ILE A 320 5.63 -8.59 -27.00
N LEU A 321 6.05 -8.43 -25.76
CA LEU A 321 5.13 -8.18 -24.66
C LEU A 321 5.24 -6.72 -24.23
N GLY A 322 4.34 -5.89 -24.77
CA GLY A 322 4.23 -4.51 -24.33
C GLY A 322 3.24 -4.49 -23.20
N LEU A 323 3.60 -5.16 -22.11
CA LEU A 323 2.68 -5.30 -20.99
C LEU A 323 3.31 -4.73 -19.73
N PRO A 324 2.50 -4.15 -18.84
CA PRO A 324 3.04 -3.70 -17.54
C PRO A 324 3.36 -4.87 -16.61
N ARG A 325 3.90 -4.57 -15.44
CA ARG A 325 4.31 -5.61 -14.49
C ARG A 325 3.21 -6.66 -14.28
N LEU A 326 2.05 -6.22 -13.79
CA LEU A 326 1.05 -7.18 -13.31
C LEU A 326 0.54 -8.09 -14.44
N ALA A 327 0.37 -7.55 -15.64
CA ALA A 327 0.03 -8.38 -16.78
C ALA A 327 1.08 -9.46 -17.02
N LEU A 328 2.36 -9.07 -17.04
CA LEU A 328 3.43 -10.06 -17.19
C LEU A 328 3.33 -11.13 -16.12
N GLU A 329 3.10 -10.73 -14.86
CA GLU A 329 3.01 -11.69 -13.77
C GLU A 329 1.86 -12.66 -14.00
N LYS A 330 0.70 -12.15 -14.43
CA LYS A 330 -0.42 -13.04 -14.71
C LYS A 330 -0.05 -14.05 -15.79
N LEU A 331 0.59 -13.60 -16.87
CA LEU A 331 1.05 -14.53 -17.90
C LEU A 331 2.06 -15.52 -17.33
N PHE A 332 2.97 -15.03 -16.48
CA PHE A 332 4.02 -15.87 -15.94
C PHE A 332 3.43 -17.04 -15.17
N VAL A 333 2.50 -16.74 -14.26
CA VAL A 333 1.87 -17.75 -13.40
C VAL A 333 1.06 -18.74 -14.24
N ARG A 334 0.30 -18.23 -15.20
CA ARG A 334 -0.58 -19.04 -16.01
C ARG A 334 0.15 -19.79 -17.13
N SER A 335 1.44 -19.55 -17.35
CA SER A 335 2.11 -20.03 -18.56
C SER A 335 2.95 -21.27 -18.31
N ASN A 336 3.22 -21.99 -19.40
CA ASN A 336 3.87 -23.29 -19.41
C ASN A 336 5.38 -23.21 -19.62
N VAL A 337 5.86 -22.18 -20.31
CA VAL A 337 7.28 -22.03 -20.57
C VAL A 337 7.95 -21.34 -19.37
N ILE A 338 7.23 -21.21 -18.25
CA ILE A 338 7.88 -20.92 -16.97
C ILE A 338 8.15 -22.22 -16.21
N ASN A 339 7.66 -23.35 -16.70
CA ASN A 339 8.15 -24.66 -16.29
C ASN A 339 9.02 -25.22 -17.39
N ARG A 340 9.76 -26.27 -17.06
CA ARG A 340 10.82 -26.76 -17.93
C ARG A 340 11.91 -25.71 -18.17
N LEU A 341 12.30 -24.98 -17.13
CA LEU A 341 13.50 -24.18 -17.13
C LEU A 341 14.25 -24.44 -15.85
N ASP A 342 15.57 -24.21 -15.89
CA ASP A 342 16.38 -23.99 -14.70
C ASP A 342 15.50 -23.25 -13.70
N GLN A 343 15.16 -23.92 -12.60
CA GLN A 343 14.40 -23.25 -11.56
C GLN A 343 15.10 -21.97 -11.13
N ASP A 344 16.42 -21.96 -11.16
CA ASP A 344 17.16 -20.73 -10.89
C ASP A 344 16.89 -19.67 -11.96
N ARG A 345 16.67 -20.08 -13.20
CA ARG A 345 16.31 -19.10 -14.22
C ARG A 345 14.93 -18.51 -13.96
N SER A 346 13.90 -19.36 -13.86
CA SER A 346 12.54 -18.86 -13.66
C SER A 346 12.43 -18.01 -12.39
N GLU A 347 13.17 -18.37 -11.35
CA GLU A 347 13.18 -17.54 -10.14
C GLU A 347 13.82 -16.18 -10.41
N LEU A 348 14.90 -16.15 -11.17
CA LEU A 348 15.50 -14.87 -11.54
C LEU A 348 14.50 -14.00 -12.28
N LEU A 349 13.81 -14.56 -13.29
CA LEU A 349 12.79 -13.78 -14.00
C LEU A 349 11.70 -13.28 -13.06
N TRP A 350 11.19 -14.16 -12.19
CA TRP A 350 10.15 -13.75 -11.26
C TRP A 350 10.61 -12.58 -10.40
N ASN A 351 11.78 -12.72 -9.77
CA ASN A 351 12.33 -11.62 -8.96
C ASN A 351 12.54 -10.39 -9.80
N THR A 352 13.01 -10.57 -11.05
CA THR A 352 13.20 -9.41 -11.91
C THR A 352 11.89 -8.67 -12.12
N LEU A 353 10.77 -9.40 -12.23
CA LEU A 353 9.49 -8.76 -12.43
C LEU A 353 9.05 -7.95 -11.21
N GLN A 354 9.52 -8.30 -10.02
CA GLN A 354 9.13 -7.57 -8.82
C GLN A 354 9.90 -6.27 -8.62
N SER A 355 10.78 -5.87 -9.55
CA SER A 355 11.72 -4.78 -9.27
C SER A 355 11.15 -3.40 -9.52
N ALA A 356 9.93 -3.30 -10.05
CA ALA A 356 9.30 -2.00 -10.32
C ALA A 356 8.04 -1.91 -9.48
N SER A 357 8.02 -1.01 -8.51
CA SER A 357 6.87 -0.93 -7.64
C SER A 357 5.63 -0.55 -8.45
N ASN A 358 4.51 -1.20 -8.16
CA ASN A 358 3.25 -0.79 -8.78
C ASN A 358 2.78 0.48 -8.09
N GLN A 359 2.62 1.55 -8.85
CA GLN A 359 2.11 2.79 -8.30
C GLN A 359 0.70 3.05 -8.78
N PRO A 360 -0.32 2.92 -7.93
CA PRO A 360 -1.68 3.29 -8.32
C PRO A 360 -1.83 4.79 -8.51
N LEU A 361 -2.72 5.16 -9.42
CA LEU A 361 -3.09 6.55 -9.64
C LEU A 361 -4.59 6.59 -9.88
N LEU A 362 -5.18 7.77 -9.72
CA LEU A 362 -6.56 7.95 -10.12
C LEU A 362 -6.80 9.37 -10.54
N LYS A 363 -7.77 9.54 -11.42
CA LYS A 363 -8.30 10.83 -11.80
C LYS A 363 -9.80 10.78 -11.62
N ILE A 364 -10.39 11.81 -11.06
CA ILE A 364 -11.83 11.95 -11.03
C ILE A 364 -12.14 13.30 -11.62
N ASN A 365 -13.00 13.32 -12.64
CA ASN A 365 -13.24 14.50 -13.44
C ASN A 365 -14.65 14.98 -13.20
N LEU A 366 -14.78 16.17 -12.63
CA LEU A 366 -16.08 16.82 -12.48
C LEU A 366 -16.20 17.89 -13.54
N TYR A 367 -17.32 17.89 -14.28
CA TYR A 367 -17.56 18.78 -15.40
C TYR A 367 -18.68 19.76 -15.07
N TYR A 368 -18.47 21.03 -15.41
CA TYR A 368 -19.44 22.08 -15.14
C TYR A 368 -19.81 22.79 -16.45
N ASP A 369 -21.03 23.33 -16.49
CA ASP A 369 -21.44 24.08 -17.68
C ASP A 369 -20.62 25.36 -17.83
N SER A 370 -20.05 25.86 -16.75
CA SER A 370 -19.14 27.01 -16.78
C SER A 370 -18.28 26.95 -15.53
N ALA A 371 -17.14 27.63 -15.60
CA ALA A 371 -16.10 27.52 -14.57
C ALA A 371 -16.41 28.50 -13.44
N TRP A 372 -17.04 27.99 -12.36
CA TRP A 372 -17.46 28.84 -11.26
C TRP A 372 -16.30 29.45 -10.49
N TRP A 373 -15.06 29.02 -10.74
CA TRP A 373 -13.89 29.51 -10.03
C TRP A 373 -13.21 30.70 -10.69
N GLY A 374 -13.91 31.45 -11.53
CA GLY A 374 -13.33 32.61 -12.15
C GLY A 374 -13.60 33.87 -11.35
N ARG A 375 -12.87 34.95 -11.69
CA ARG A 375 -12.97 36.21 -10.95
C ARG A 375 -14.42 36.67 -10.80
N GLY A 376 -15.22 36.54 -11.85
CA GLY A 376 -16.52 37.16 -11.85
C GLY A 376 -17.57 36.47 -11.00
N THR A 377 -17.42 35.16 -10.74
CA THR A 377 -18.33 34.44 -9.87
C THR A 377 -17.76 34.16 -8.48
N THR A 378 -16.58 34.68 -8.15
CA THR A 378 -16.04 34.57 -6.80
C THR A 378 -15.70 35.92 -6.17
N GLY A 379 -15.45 36.96 -6.98
CA GLY A 379 -15.05 38.25 -6.46
C GLY A 379 -13.61 38.31 -5.98
N ARG A 380 -12.84 37.26 -6.21
CA ARG A 380 -11.44 37.11 -5.88
C ARG A 380 -10.60 36.83 -7.12
N PRO A 381 -9.29 37.10 -7.07
CA PRO A 381 -8.38 36.67 -8.15
C PRO A 381 -8.56 35.24 -8.66
N ALA A 382 -8.92 35.11 -9.94
CA ALA A 382 -9.34 33.84 -10.51
C ALA A 382 -8.22 32.82 -10.50
N VAL A 383 -8.59 31.56 -10.29
CA VAL A 383 -7.66 30.46 -10.49
C VAL A 383 -7.63 30.11 -11.98
N GLU A 384 -6.44 29.87 -12.51
CA GLU A 384 -6.32 29.72 -13.96
C GLU A 384 -5.89 28.33 -14.37
N PHE A 385 -4.59 28.04 -14.32
CA PHE A 385 -4.10 26.72 -14.71
C PHE A 385 -3.13 26.21 -13.67
N GLY A 386 -2.83 24.92 -13.73
CA GLY A 386 -1.87 24.32 -12.84
C GLY A 386 -2.50 23.68 -11.62
N PRO A 387 -1.72 22.86 -10.91
CA PRO A 387 -2.26 22.07 -9.79
C PRO A 387 -2.57 22.94 -8.58
N ASN A 388 -3.72 22.72 -7.97
CA ASN A 388 -3.98 23.24 -6.65
C ASN A 388 -3.74 22.11 -5.67
N PHE A 389 -2.86 22.35 -4.71
CA PHE A 389 -2.31 21.29 -3.88
C PHE A 389 -2.98 21.30 -2.51
N ALA A 390 -3.20 20.12 -1.95
CA ALA A 390 -3.82 20.01 -0.64
C ALA A 390 -3.43 18.71 0.04
N ASP A 391 -3.37 18.74 1.38
CA ASP A 391 -3.22 17.51 2.13
C ASP A 391 -4.55 16.86 2.44
N LEU A 392 -5.65 17.36 1.86
CA LEU A 392 -6.92 16.61 1.79
C LEU A 392 -6.73 15.38 0.92
N PRO A 393 -7.70 14.46 0.85
CA PRO A 393 -7.50 13.29 -0.04
C PRO A 393 -7.50 13.62 -1.51
N THR A 394 -7.75 14.87 -1.91
CA THR A 394 -7.75 15.19 -3.33
C THR A 394 -6.34 15.12 -3.92
N GLY A 395 -5.31 15.41 -3.14
CA GLY A 395 -3.97 15.46 -3.70
C GLY A 395 -3.79 16.71 -4.53
N SER A 396 -3.83 16.57 -5.85
CA SER A 396 -3.80 17.74 -6.73
C SER A 396 -5.16 17.91 -7.42
N VAL A 397 -5.47 19.17 -7.76
CA VAL A 397 -6.70 19.53 -8.46
C VAL A 397 -6.33 20.48 -9.60
N TYR A 398 -6.57 20.03 -10.84
CA TYR A 398 -6.26 20.73 -12.08
C TYR A 398 -7.54 21.24 -12.72
N PRO A 399 -7.63 22.53 -13.04
CA PRO A 399 -8.74 22.98 -13.88
C PRO A 399 -8.44 22.72 -15.35
N PHE A 400 -9.49 22.43 -16.10
CA PHE A 400 -9.39 22.14 -17.53
C PHE A 400 -10.52 22.87 -18.22
N TYR A 401 -10.26 23.39 -19.42
CA TYR A 401 -11.22 24.26 -20.08
C TYR A 401 -11.59 23.69 -21.45
N ALA A 402 -12.68 24.20 -21.99
CA ALA A 402 -13.09 23.80 -23.33
C ALA A 402 -12.09 24.31 -24.37
N VAL A 403 -11.88 23.49 -25.40
CA VAL A 403 -10.97 23.82 -26.49
C VAL A 403 -11.37 25.15 -27.12
N ASN A 404 -10.40 26.05 -27.25
CA ASN A 404 -10.65 27.36 -27.84
C ASN A 404 -9.35 27.82 -28.49
N GLU A 405 -9.36 27.94 -29.82
CA GLU A 405 -8.10 28.21 -30.51
C GLU A 405 -7.55 29.59 -30.18
N GLU A 406 -8.41 30.58 -29.99
CA GLU A 406 -7.95 31.89 -29.55
C GLU A 406 -7.27 31.78 -28.19
N LEU A 407 -7.84 31.00 -27.27
CA LEU A 407 -7.23 30.79 -25.95
C LEU A 407 -5.86 30.13 -26.08
N ALA A 408 -5.72 29.20 -27.01
CA ALA A 408 -4.42 28.58 -27.23
C ALA A 408 -3.42 29.59 -27.79
N ALA A 409 -3.87 30.53 -28.63
CA ALA A 409 -2.95 31.56 -29.12
C ALA A 409 -2.49 32.49 -28.00
N ALA A 410 -3.43 32.90 -27.15
CA ALA A 410 -3.10 33.66 -25.95
C ALA A 410 -2.02 32.96 -25.12
N LEU A 411 -2.19 31.65 -24.87
CA LEU A 411 -1.20 30.95 -24.06
C LEU A 411 0.13 30.83 -24.81
N MET A 412 0.08 30.71 -26.13
CA MET A 412 1.32 30.63 -26.88
C MET A 412 2.11 31.92 -26.78
N TYR A 413 1.41 33.04 -26.59
CA TYR A 413 2.02 34.34 -26.35
C TYR A 413 2.56 34.45 -24.93
N GLU A 414 1.74 34.11 -23.92
CA GLU A 414 2.18 34.11 -22.52
C GLU A 414 3.41 33.23 -22.30
N GLU A 415 3.49 32.09 -23.00
CA GLU A 415 4.68 31.25 -22.90
C GLU A 415 5.94 32.07 -23.06
N ARG A 416 6.01 32.85 -24.13
CA ARG A 416 7.11 33.76 -24.33
C ARG A 416 6.84 35.08 -23.61
N THR A 417 6.52 34.99 -22.30
CA THR A 417 5.99 36.04 -21.45
C THR A 417 6.34 37.43 -21.97
N THR A 418 7.65 37.70 -22.12
CA THR A 418 8.15 38.99 -22.58
C THR A 418 7.39 40.14 -21.90
N HIS A 419 7.00 41.14 -22.66
CA HIS A 419 6.31 42.31 -22.10
C HIS A 419 5.24 42.77 -23.08
N PRO A 420 3.98 42.43 -22.81
CA PRO A 420 2.92 42.80 -23.76
C PRO A 420 2.67 44.30 -23.75
N SER A 421 2.24 44.81 -24.90
CA SER A 421 1.82 46.20 -24.97
C SER A 421 0.59 46.45 -24.09
N ASP A 422 0.07 47.67 -24.13
CA ASP A 422 -1.21 47.95 -23.48
C ASP A 422 -2.34 47.14 -24.10
N ALA A 423 -2.49 47.22 -25.43
CA ALA A 423 -3.59 46.60 -26.15
C ALA A 423 -3.53 45.08 -26.08
N VAL A 424 -2.31 44.51 -26.07
CA VAL A 424 -2.20 43.08 -25.97
C VAL A 424 -2.58 42.60 -24.58
N GLU A 425 -2.11 43.31 -23.54
CA GLU A 425 -2.46 42.95 -22.17
C GLU A 425 -3.96 42.99 -21.95
N ALA A 426 -4.68 43.86 -22.65
CA ALA A 426 -6.13 43.88 -22.51
C ALA A 426 -6.76 42.68 -23.21
N LYS A 427 -6.31 42.34 -24.42
CA LYS A 427 -6.86 41.19 -25.10
C LYS A 427 -6.61 39.92 -24.30
N LEU A 428 -5.37 39.73 -23.80
CA LEU A 428 -5.08 38.55 -22.98
C LEU A 428 -5.99 38.47 -21.77
N GLU A 429 -6.18 39.57 -21.06
CA GLU A 429 -7.11 39.57 -19.94
C GLU A 429 -8.51 39.19 -20.37
N ARG A 430 -8.97 39.71 -21.52
CA ARG A 430 -10.31 39.38 -21.99
C ARG A 430 -10.41 37.92 -22.37
N ILE A 431 -9.40 37.39 -23.06
CA ILE A 431 -9.43 35.99 -23.43
C ILE A 431 -9.47 35.10 -22.21
N GLY A 432 -8.73 35.48 -21.15
CA GLY A 432 -8.72 34.69 -19.93
C GLY A 432 -10.04 34.76 -19.17
N ASN A 433 -10.70 35.93 -19.21
CA ASN A 433 -12.06 36.01 -18.69
C ASN A 433 -13.01 35.13 -19.48
N ASP A 434 -12.75 34.93 -20.78
CA ASP A 434 -13.69 34.21 -21.62
C ASP A 434 -13.73 32.73 -21.28
N LYS A 435 -12.63 32.15 -20.83
CA LYS A 435 -12.61 30.71 -20.64
C LYS A 435 -13.54 30.30 -19.52
N TYR A 436 -13.92 31.24 -18.65
CA TYR A 436 -14.78 30.95 -17.50
C TYR A 436 -16.25 30.96 -17.86
N GLU A 437 -16.58 31.48 -19.04
CA GLU A 437 -17.93 31.48 -19.55
C GLU A 437 -18.19 30.36 -20.56
N ARG A 438 -17.31 29.35 -20.60
CA ARG A 438 -17.56 28.12 -21.36
C ARG A 438 -17.56 26.91 -20.42
N PRO A 439 -18.00 25.74 -20.87
CA PRO A 439 -17.93 24.56 -20.00
C PRO A 439 -16.49 24.22 -19.64
N ALA A 440 -16.32 23.66 -18.44
CA ALA A 440 -14.99 23.38 -17.93
C ALA A 440 -15.09 22.26 -16.90
N ALA A 441 -13.93 21.76 -16.47
CA ALA A 441 -13.90 20.60 -15.60
C ALA A 441 -12.85 20.77 -14.53
N LEU A 442 -13.10 20.15 -13.37
CA LEU A 442 -12.09 20.00 -12.32
C LEU A 442 -11.62 18.56 -12.29
N THR A 443 -10.32 18.36 -12.08
CA THR A 443 -9.75 17.03 -12.10
C THR A 443 -8.98 16.78 -10.81
N ILE A 444 -9.50 15.85 -10.00
CA ILE A 444 -8.81 15.34 -8.82
C ILE A 444 -7.81 14.29 -9.28
N TYR A 445 -6.55 14.45 -8.89
CA TYR A 445 -5.47 13.60 -9.38
C TYR A 445 -4.55 13.30 -8.21
N CYS A 446 -4.47 12.03 -7.82
CA CYS A 446 -3.73 11.67 -6.62
C CYS A 446 -3.20 10.25 -6.72
N ASP A 447 -2.41 9.85 -5.71
CA ASP A 447 -1.62 8.63 -5.80
C ASP A 447 -1.50 8.01 -4.41
N TYR A 448 -0.67 6.98 -4.33
CA TYR A 448 -0.44 6.14 -3.15
C TYR A 448 -1.45 6.20 -2.01
N LEU A 449 -1.16 7.02 -1.01
CA LEU A 449 -1.90 6.98 0.25
C LEU A 449 -3.35 7.44 0.12
N ASN A 450 -3.68 8.25 -0.89
CA ASN A 450 -5.03 8.72 -1.06
C ASN A 450 -5.88 7.79 -1.91
N ILE A 451 -5.25 6.81 -2.56
CA ILE A 451 -5.97 5.95 -3.47
C ILE A 451 -7.12 5.28 -2.76
N ASN A 452 -6.89 4.80 -1.53
CA ASN A 452 -7.92 4.04 -0.84
C ASN A 452 -9.10 4.91 -0.48
N PHE A 453 -8.90 6.20 -0.25
CA PHE A 453 -10.04 7.06 0.05
C PHE A 453 -11.07 7.01 -1.07
N TRP A 454 -10.65 7.38 -2.29
CA TRP A 454 -11.58 7.52 -3.40
C TRP A 454 -12.06 6.18 -3.91
N SER A 455 -11.15 5.20 -4.03
CA SER A 455 -11.52 3.93 -4.65
C SER A 455 -12.60 3.20 -3.85
N ASN A 456 -12.56 3.30 -2.52
CA ASN A 456 -13.65 2.69 -1.76
C ASN A 456 -14.87 3.60 -1.70
N LEU A 457 -14.68 4.91 -1.49
CA LEU A 457 -15.81 5.84 -1.61
C LEU A 457 -16.55 5.67 -2.94
N GLN A 458 -15.83 5.36 -4.02
CA GLN A 458 -16.45 5.09 -5.32
C GLN A 458 -17.48 3.99 -5.25
N ASN A 459 -17.32 3.05 -4.31
CA ASN A 459 -18.25 1.93 -4.16
C ASN A 459 -19.32 2.22 -3.11
N ILE A 460 -19.58 3.50 -2.86
CA ILE A 460 -20.54 3.96 -1.87
C ILE A 460 -21.56 4.85 -2.59
N GLY A 461 -22.83 4.55 -2.40
CA GLY A 461 -23.85 5.43 -2.94
C GLY A 461 -24.29 5.05 -4.32
N GLU A 462 -25.22 5.85 -4.82
CA GLU A 462 -25.75 5.67 -6.16
C GLU A 462 -24.74 6.19 -7.20
N THR A 463 -24.89 5.70 -8.43
CA THR A 463 -24.17 6.30 -9.55
C THR A 463 -24.65 7.73 -9.76
N TYR A 464 -23.71 8.67 -9.92
CA TYR A 464 -24.08 10.07 -10.00
C TYR A 464 -24.66 10.38 -11.37
N HIS A 465 -25.75 11.14 -11.37
CA HIS A 465 -26.46 11.50 -12.59
C HIS A 465 -27.23 12.78 -12.32
N ASN A 466 -26.78 13.88 -12.93
CA ASN A 466 -27.51 15.13 -12.91
C ASN A 466 -28.75 14.98 -13.77
N PRO A 467 -29.97 15.07 -13.21
CA PRO A 467 -31.17 14.77 -14.01
C PRO A 467 -31.33 15.68 -15.23
N LYS A 468 -30.86 16.93 -15.16
CA LYS A 468 -30.98 17.86 -16.28
C LYS A 468 -29.76 17.84 -17.20
N GLN A 469 -29.00 16.74 -17.18
CA GLN A 469 -27.75 16.65 -17.92
C GLN A 469 -27.94 16.82 -19.43
N ASP A 470 -29.04 16.30 -19.98
CA ASP A 470 -29.29 16.43 -21.41
C ASP A 470 -29.52 17.88 -21.84
N HIS A 471 -29.88 18.77 -20.92
CA HIS A 471 -29.94 20.19 -21.26
C HIS A 471 -28.56 20.75 -21.60
N TYR A 472 -27.49 20.13 -21.07
CA TYR A 472 -26.14 20.67 -21.16
C TYR A 472 -25.20 19.88 -22.06
N VAL A 473 -25.33 18.56 -22.09
CA VAL A 473 -24.40 17.70 -22.81
C VAL A 473 -25.06 17.19 -24.08
N GLU A 474 -24.31 17.18 -25.19
CA GLU A 474 -24.86 16.71 -26.45
C GLU A 474 -24.53 15.24 -26.71
N ASN A 475 -23.28 14.82 -26.48
CA ASN A 475 -22.90 13.43 -26.67
C ASN A 475 -21.89 13.02 -25.61
N VAL A 476 -22.24 12.01 -24.82
CA VAL A 476 -21.31 11.38 -23.88
C VAL A 476 -20.83 10.10 -24.54
N PRO A 477 -19.54 9.75 -24.42
CA PRO A 477 -19.11 8.43 -24.92
C PRO A 477 -19.67 7.28 -24.10
N ASP A 478 -19.07 6.11 -24.22
CA ASP A 478 -19.47 4.95 -23.42
C ASP A 478 -18.41 4.49 -22.46
N ASP A 479 -17.13 4.68 -22.79
CA ASP A 479 -16.04 4.38 -21.86
C ASP A 479 -15.94 5.48 -20.81
N ILE A 480 -17.06 6.08 -20.44
CA ILE A 480 -17.14 7.02 -19.32
C ILE A 480 -17.94 6.35 -18.22
N TYR A 481 -17.24 5.99 -17.14
CA TYR A 481 -17.87 5.37 -15.99
C TYR A 481 -18.01 6.44 -14.92
N PRO A 482 -19.22 6.88 -14.59
CA PRO A 482 -19.38 8.01 -13.68
C PRO A 482 -18.98 7.65 -12.26
N ALA A 483 -18.86 8.69 -11.44
CA ALA A 483 -18.46 8.57 -10.05
C ALA A 483 -19.68 8.34 -9.17
N SER A 484 -19.46 7.65 -8.05
CA SER A 484 -20.54 7.46 -7.10
C SER A 484 -21.01 8.81 -6.55
N THR A 485 -22.28 8.87 -6.16
CA THR A 485 -22.80 10.09 -5.55
C THR A 485 -21.97 10.46 -4.32
N ALA A 486 -21.49 9.47 -3.58
CA ALA A 486 -20.59 9.75 -2.46
C ALA A 486 -19.34 10.49 -2.93
N VAL A 487 -18.78 10.06 -4.07
CA VAL A 487 -17.56 10.71 -4.54
C VAL A 487 -17.85 12.16 -4.92
N VAL A 488 -19.02 12.42 -5.51
CA VAL A 488 -19.36 13.80 -5.86
C VAL A 488 -19.54 14.66 -4.62
N GLU A 489 -20.17 14.13 -3.56
CA GLU A 489 -20.36 14.88 -2.33
C GLU A 489 -19.02 15.32 -1.75
N GLN A 490 -18.11 14.38 -1.52
CA GLN A 490 -16.87 14.76 -0.86
C GLN A 490 -15.99 15.61 -1.77
N ALA A 491 -15.94 15.27 -3.06
CA ALA A 491 -15.25 16.12 -4.03
C ALA A 491 -15.71 17.57 -3.90
N THR A 492 -17.01 17.79 -3.79
CA THR A 492 -17.51 19.13 -3.53
C THR A 492 -17.02 19.68 -2.19
N ARG A 493 -17.10 18.85 -1.13
CA ARG A 493 -16.65 19.30 0.18
C ARG A 493 -15.23 19.84 0.10
N PHE A 494 -14.34 19.09 -0.55
CA PHE A 494 -12.96 19.51 -0.64
C PHE A 494 -12.80 20.76 -1.51
N PHE A 495 -13.56 20.85 -2.61
CA PHE A 495 -13.44 22.04 -3.44
C PHE A 495 -13.82 23.28 -2.65
N LYS A 496 -14.90 23.19 -1.88
CA LYS A 496 -15.29 24.30 -1.03
C LYS A 496 -14.11 24.78 -0.19
N ASP A 497 -13.35 23.84 0.37
CA ASP A 497 -12.20 24.20 1.19
C ASP A 497 -11.04 24.73 0.34
N ILE A 498 -10.64 23.96 -0.68
CA ILE A 498 -9.49 24.33 -1.51
C ILE A 498 -9.69 25.71 -2.13
N PHE A 499 -10.92 26.00 -2.56
CA PHE A 499 -11.22 27.24 -3.26
C PHE A 499 -11.82 28.32 -2.38
N ASN A 500 -11.96 28.04 -1.07
CA ASN A 500 -12.31 29.07 -0.10
C ASN A 500 -13.66 29.69 -0.44
N THR A 501 -14.64 28.85 -0.77
CA THR A 501 -16.00 29.33 -1.01
C THR A 501 -17.00 28.25 -0.65
N HIS A 502 -18.22 28.70 -0.40
CA HIS A 502 -19.36 27.83 -0.14
C HIS A 502 -20.18 27.57 -1.40
N TYR A 503 -19.73 28.08 -2.55
CA TYR A 503 -20.48 28.02 -3.80
C TYR A 503 -19.76 27.10 -4.78
N VAL A 504 -19.97 25.80 -4.63
CA VAL A 504 -19.50 24.80 -5.58
C VAL A 504 -20.71 24.06 -6.11
N PRO A 505 -21.20 24.41 -7.29
CA PRO A 505 -22.41 23.77 -7.81
C PRO A 505 -22.17 22.29 -8.09
N ALA A 506 -23.26 21.55 -8.17
CA ALA A 506 -23.15 20.16 -8.55
C ALA A 506 -22.69 20.10 -10.00
N PRO A 507 -21.96 19.06 -10.38
CA PRO A 507 -21.52 18.95 -11.78
C PRO A 507 -22.66 18.46 -12.64
N VAL A 508 -22.54 18.70 -13.96
CA VAL A 508 -23.50 18.13 -14.88
C VAL A 508 -23.12 16.71 -15.30
N LEU A 509 -21.88 16.31 -15.06
CA LEU A 509 -21.35 15.06 -15.57
C LEU A 509 -20.03 14.80 -14.88
N THR A 510 -19.74 13.53 -14.65
CA THR A 510 -18.51 13.15 -13.97
C THR A 510 -17.99 11.87 -14.58
N SER A 511 -16.70 11.61 -14.35
CA SER A 511 -16.10 10.35 -14.70
C SER A 511 -15.08 9.99 -13.64
N ALA A 512 -14.94 8.71 -13.38
CA ALA A 512 -13.94 8.26 -12.42
C ALA A 512 -13.09 7.19 -13.07
N ARG A 513 -11.79 7.24 -12.80
CA ARG A 513 -10.83 6.35 -13.45
C ARG A 513 -9.77 6.01 -12.40
N ILE A 514 -9.73 4.76 -11.98
CA ILE A 514 -8.85 4.32 -10.91
C ILE A 514 -7.83 3.38 -11.54
N TRP A 515 -6.58 3.83 -11.60
CA TRP A 515 -5.52 3.05 -12.23
C TRP A 515 -4.84 2.22 -11.16
N GLU A 516 -5.55 1.16 -10.75
CA GLU A 516 -5.09 0.29 -9.70
C GLU A 516 -5.43 -1.14 -10.10
N GLY A 517 -4.45 -2.03 -10.03
CA GLY A 517 -4.67 -3.39 -10.47
C GLY A 517 -5.53 -4.18 -9.51
N SER A 518 -6.18 -5.20 -10.05
CA SER A 518 -6.81 -6.26 -9.27
C SER A 518 -6.24 -7.58 -9.75
N VAL A 519 -6.22 -8.56 -8.85
CA VAL A 519 -5.97 -9.94 -9.23
C VAL A 519 -7.26 -10.76 -9.19
N LYS A 520 -8.41 -10.11 -9.04
CA LYS A 520 -9.71 -10.77 -8.98
C LYS A 520 -10.32 -10.97 -10.36
N PHE A 521 -10.81 -12.19 -10.59
CA PHE A 521 -11.68 -12.49 -11.71
C PHE A 521 -13.08 -11.92 -11.48
N ASP A 522 -13.63 -11.29 -12.53
CA ASP A 522 -15.03 -10.88 -12.68
C ASP A 522 -15.29 -9.47 -12.14
N ILE A 523 -14.27 -8.61 -12.11
CA ILE A 523 -14.43 -7.21 -11.71
C ILE A 523 -15.44 -6.55 -12.65
N PRO A 524 -16.33 -5.61 -12.18
CA PRO A 524 -17.49 -5.14 -12.96
C PRO A 524 -17.54 -5.47 -14.46
N ALA A 525 -16.80 -4.74 -15.29
CA ALA A 525 -16.79 -5.01 -16.73
C ALA A 525 -15.36 -4.99 -17.25
N ASN A 526 -15.01 -3.95 -18.01
CA ASN A 526 -13.63 -3.67 -18.34
C ASN A 526 -12.88 -3.03 -17.17
N ARG A 527 -13.54 -2.89 -16.02
CA ARG A 527 -12.98 -2.28 -14.80
C ARG A 527 -11.55 -2.75 -14.51
N GLN A 528 -11.17 -3.91 -15.06
CA GLN A 528 -9.79 -4.36 -15.05
C GLN A 528 -8.91 -3.32 -15.74
N PHE A 529 -8.24 -2.49 -14.93
CA PHE A 529 -7.33 -1.45 -15.36
C PHE A 529 -6.00 -1.69 -14.70
N GLY A 530 -4.92 -1.65 -15.48
CA GLY A 530 -3.59 -1.82 -14.90
C GLY A 530 -3.30 -0.76 -13.84
N TYR A 531 -2.15 -0.93 -13.17
CA TYR A 531 -1.67 0.14 -12.30
C TYR A 531 -1.32 1.38 -13.12
N GLY A 532 -1.29 2.52 -12.43
CA GLY A 532 -1.07 3.81 -13.08
C GLY A 532 0.32 4.02 -13.66
N VAL A 533 1.32 3.96 -12.77
CA VAL A 533 2.70 4.03 -13.22
C VAL A 533 3.53 2.98 -12.52
N HIS A 534 4.83 3.01 -12.75
CA HIS A 534 5.77 2.11 -12.13
C HIS A 534 7.01 2.91 -11.78
N GLN A 535 7.60 2.63 -10.63
CA GLN A 535 8.86 3.29 -10.28
C GLN A 535 9.79 2.25 -9.66
N TRP A 536 11.07 2.37 -9.96
CA TRP A 536 12.03 1.35 -9.56
C TRP A 536 12.06 1.22 -8.04
N ALA A 537 12.01 -0.02 -7.56
CA ALA A 537 11.89 -0.24 -6.14
C ALA A 537 13.26 -0.18 -5.46
N VAL A 538 13.22 -0.13 -4.13
CA VAL A 538 14.45 -0.15 -3.34
C VAL A 538 15.24 -1.41 -3.68
N GLY A 539 16.54 -1.24 -3.89
CA GLY A 539 17.41 -2.36 -4.16
C GLY A 539 17.49 -2.79 -5.60
N ALA A 540 16.67 -2.20 -6.48
CA ALA A 540 16.61 -2.62 -7.88
C ALA A 540 17.71 -1.95 -8.68
N ASN A 541 18.61 -2.78 -9.25
CA ASN A 541 19.60 -2.31 -10.22
C ASN A 541 18.93 -2.36 -11.59
N ASP A 542 18.40 -1.22 -12.03
CA ASP A 542 17.55 -1.25 -13.22
C ASP A 542 18.35 -1.48 -14.50
N LYS A 543 19.64 -1.14 -14.52
CA LYS A 543 20.45 -1.49 -15.66
C LYS A 543 20.38 -2.99 -15.93
N GLU A 544 20.59 -3.79 -14.89
CA GLU A 544 20.55 -5.24 -15.07
C GLU A 544 19.15 -5.72 -15.41
N VAL A 545 18.13 -5.17 -14.72
CA VAL A 545 16.75 -5.61 -14.93
C VAL A 545 16.33 -5.36 -16.37
N MET A 546 16.65 -4.16 -16.87
CA MET A 546 16.33 -3.82 -18.26
C MET A 546 16.98 -4.78 -19.24
N ALA A 547 18.24 -5.14 -19.00
CA ALA A 547 18.91 -6.14 -19.82
C ALA A 547 18.16 -7.46 -19.77
N THR A 548 17.88 -7.95 -18.56
CA THR A 548 17.15 -9.20 -18.43
C THR A 548 15.85 -9.16 -19.23
N LEU A 549 15.02 -8.15 -18.98
CA LEU A 549 13.69 -8.14 -19.55
C LEU A 549 13.66 -7.78 -21.05
N SER A 550 14.76 -7.34 -21.64
CA SER A 550 14.69 -7.03 -23.07
C SER A 550 14.50 -8.30 -23.89
N GLU A 551 15.04 -9.42 -23.43
CA GLU A 551 14.79 -10.72 -24.06
C GLU A 551 14.97 -11.79 -23.00
N PRO A 552 13.94 -11.99 -22.16
CA PRO A 552 14.07 -13.01 -21.09
C PRO A 552 14.11 -14.42 -21.61
N LEU A 553 13.44 -14.68 -22.72
CA LEU A 553 13.47 -15.92 -23.48
C LEU A 553 13.88 -15.61 -24.92
N PRO A 554 14.59 -16.52 -25.60
CA PRO A 554 15.02 -16.23 -26.97
C PRO A 554 13.84 -16.06 -27.93
N ASN A 555 13.82 -14.93 -28.63
CA ASN A 555 12.77 -14.48 -29.54
C ASN A 555 11.51 -14.02 -28.81
N LEU A 556 11.58 -13.83 -27.49
CA LEU A 556 10.48 -13.31 -26.69
C LEU A 556 10.95 -12.04 -26.00
N PHE A 557 10.32 -10.93 -26.33
CA PHE A 557 10.81 -9.62 -25.94
C PHE A 557 9.76 -8.96 -25.06
N THR A 558 10.21 -7.98 -24.27
CA THR A 558 9.42 -7.25 -23.30
C THR A 558 9.69 -5.77 -23.44
N CYS A 559 8.66 -4.95 -23.27
CA CYS A 559 8.87 -3.51 -23.33
C CYS A 559 7.62 -2.81 -22.82
N GLY A 560 7.77 -1.53 -22.52
CA GLY A 560 6.69 -0.75 -21.96
C GLY A 560 7.26 0.26 -20.99
N GLU A 561 6.40 1.08 -20.38
CA GLU A 561 6.84 2.03 -19.37
C GLU A 561 7.31 1.31 -18.09
N ALA A 562 6.63 0.20 -17.71
CA ALA A 562 6.80 -0.42 -16.39
C ALA A 562 8.25 -0.60 -15.97
N PHE A 563 9.08 -1.19 -16.85
CA PHE A 563 10.48 -1.40 -16.51
C PHE A 563 11.36 -0.55 -17.41
N SER A 564 11.00 0.72 -17.57
CA SER A 564 11.66 1.57 -18.54
C SER A 564 12.58 2.60 -17.87
N ASP A 565 13.29 3.28 -18.76
CA ASP A 565 14.28 4.31 -18.49
C ASP A 565 13.66 5.56 -17.90
N TYR A 566 12.37 5.77 -18.14
CA TYR A 566 11.73 7.05 -17.96
C TYR A 566 10.27 6.76 -17.58
N GLN A 567 10.14 6.03 -16.46
CA GLN A 567 8.85 5.59 -15.98
C GLN A 567 7.92 6.77 -15.79
N GLY A 568 6.62 6.47 -15.76
CA GLY A 568 5.63 7.51 -15.68
C GLY A 568 5.33 8.22 -16.98
N TRP A 569 6.05 7.91 -18.06
CA TRP A 569 5.92 8.70 -19.27
C TRP A 569 5.90 7.80 -20.51
N VAL A 570 5.07 8.21 -21.48
CA VAL A 570 5.07 7.56 -22.79
C VAL A 570 6.50 7.41 -23.32
N GLU A 571 7.34 8.42 -23.11
CA GLU A 571 8.73 8.32 -23.57
C GLU A 571 9.42 7.09 -22.99
N GLY A 572 8.96 6.65 -21.81
CA GLY A 572 9.52 5.46 -21.20
C GLY A 572 9.13 4.20 -21.97
N ALA A 573 7.85 4.06 -22.28
CA ALA A 573 7.43 2.95 -23.13
C ALA A 573 8.20 2.94 -24.45
N LEU A 574 8.42 4.12 -25.03
CA LEU A 574 9.14 4.19 -26.30
C LEU A 574 10.58 3.69 -26.16
N ARG A 575 11.33 4.25 -25.20
CA ARG A 575 12.73 3.89 -25.04
C ARG A 575 12.89 2.43 -24.70
N SER A 576 11.94 1.87 -23.94
CA SER A 576 11.96 0.45 -23.62
C SER A 576 11.72 -0.38 -24.86
N THR A 577 10.77 0.02 -25.69
CA THR A 577 10.52 -0.71 -26.92
C THR A 577 11.69 -0.54 -27.89
N ASP A 578 12.29 0.65 -27.93
CA ASP A 578 13.47 0.83 -28.76
C ASP A 578 14.54 -0.18 -28.41
N LEU A 579 14.61 -0.55 -27.13
CA LEU A 579 15.62 -1.50 -26.67
C LEU A 579 15.26 -2.93 -27.07
N ALA A 580 13.98 -3.27 -27.10
CA ALA A 580 13.62 -4.60 -27.55
C ALA A 580 13.81 -4.71 -29.06
N LEU A 581 13.53 -3.63 -29.80
CA LEU A 581 13.70 -3.66 -31.26
C LEU A 581 15.17 -3.70 -31.67
N GLU A 582 16.03 -2.98 -30.95
CA GLU A 582 17.46 -3.11 -31.18
C GLU A 582 17.93 -4.53 -30.90
N LYS A 583 17.50 -5.08 -29.75
CA LYS A 583 17.92 -6.41 -29.34
C LYS A 583 17.46 -7.49 -30.31
N GLY A 584 16.24 -7.38 -30.83
CA GLY A 584 15.67 -8.44 -31.64
C GLY A 584 15.67 -8.26 -33.14
N PHE A 585 15.48 -7.02 -33.61
CA PHE A 585 15.42 -6.74 -35.04
C PHE A 585 16.50 -5.77 -35.50
N GLY A 586 17.46 -5.44 -34.65
CA GLY A 586 18.58 -4.60 -35.06
C GLY A 586 18.22 -3.20 -35.49
N LEU A 587 17.27 -2.55 -34.83
CA LEU A 587 16.83 -1.22 -35.18
C LEU A 587 17.39 -0.23 -34.17
N LYS A 588 18.20 0.72 -34.66
CA LYS A 588 18.70 1.84 -33.87
C LYS A 588 17.53 2.54 -33.19
N PRO A 589 17.74 3.13 -32.02
CA PRO A 589 16.72 3.98 -31.40
C PRO A 589 16.12 4.97 -32.40
N LEU A 590 14.83 5.26 -32.22
CA LEU A 590 14.13 6.13 -33.17
C LEU A 590 14.72 7.52 -33.20
N SER A 591 15.07 8.07 -32.03
CA SER A 591 15.64 9.40 -32.00
C SER A 591 17.01 9.43 -32.68
N GLN A 592 17.71 8.30 -32.66
CA GLN A 592 19.00 8.22 -33.32
C GLN A 592 18.83 8.02 -34.82
N ALA A 593 17.89 7.16 -35.21
CA ALA A 593 17.61 7.00 -36.63
C ALA A 593 17.10 8.29 -37.24
N TYR A 594 16.22 8.99 -36.53
CA TYR A 594 15.78 10.30 -37.00
C TYR A 594 16.97 11.23 -37.20
N PHE A 595 17.85 11.30 -36.21
CA PHE A 595 18.98 12.22 -36.31
C PHE A 595 19.83 11.93 -37.53
N GLU A 596 20.12 10.65 -37.77
CA GLU A 596 20.98 10.31 -38.89
C GLU A 596 20.32 10.58 -40.23
N SER A 597 18.99 10.59 -40.29
CA SER A 597 18.33 10.86 -41.55
C SER A 597 18.08 12.36 -41.79
N THR A 598 18.23 13.19 -40.77
CA THR A 598 17.93 14.61 -40.87
C THR A 598 19.09 15.52 -40.47
N HIS A 599 20.04 15.01 -39.67
CA HIS A 599 21.15 15.77 -39.09
C HIS A 599 20.68 16.90 -38.19
N ILE A 600 19.44 16.86 -37.73
CA ILE A 600 18.97 17.71 -36.64
C ILE A 600 18.22 16.84 -35.66
N SER A 601 18.47 17.06 -34.37
CA SER A 601 17.75 16.33 -33.34
C SER A 601 16.26 16.55 -33.46
N SER A 602 15.49 15.53 -33.05
CA SER A 602 14.03 15.66 -33.09
C SER A 602 13.55 16.79 -32.18
N SER A 603 14.24 17.00 -31.03
CA SER A 603 13.89 18.08 -30.13
C SER A 603 14.18 19.43 -30.76
N ASP A 604 15.32 19.57 -31.45
CA ASP A 604 15.56 20.78 -32.22
C ASP A 604 14.53 20.93 -33.33
N ALA A 605 14.24 19.84 -34.04
CA ALA A 605 13.32 19.94 -35.17
C ALA A 605 11.93 20.34 -34.71
N ILE A 606 11.44 19.76 -33.61
CA ILE A 606 10.09 20.05 -33.18
C ILE A 606 9.99 21.47 -32.62
N LYS A 607 11.01 21.89 -31.86
CA LYS A 607 11.05 23.25 -31.35
C LYS A 607 10.87 24.26 -32.48
N ALA A 608 11.67 24.13 -33.53
CA ALA A 608 11.53 24.96 -34.73
C ALA A 608 10.09 24.98 -35.23
N VAL A 609 9.52 23.81 -35.50
CA VAL A 609 8.16 23.74 -36.05
C VAL A 609 7.18 24.42 -35.11
N TYR A 610 7.25 24.09 -33.82
CA TYR A 610 6.34 24.70 -32.86
C TYR A 610 6.49 26.21 -32.85
N GLU A 611 7.73 26.71 -33.00
CA GLU A 611 7.95 28.14 -33.05
C GLU A 611 7.16 28.76 -34.20
N GLU A 612 7.23 28.13 -35.37
CA GLU A 612 6.54 28.68 -36.53
C GLU A 612 5.03 28.63 -36.32
N ASN A 613 4.51 27.54 -35.75
CA ASN A 613 3.07 27.38 -35.61
C ASN A 613 2.51 28.34 -34.57
N SER A 614 3.25 28.58 -33.50
CA SER A 614 2.82 29.55 -32.51
C SER A 614 2.95 30.97 -33.03
N SER A 615 3.91 31.22 -33.93
CA SER A 615 3.97 32.48 -34.66
C SER A 615 2.70 32.72 -35.47
N LYS A 616 2.30 31.73 -36.27
CA LYS A 616 1.08 31.86 -37.06
C LYS A 616 -0.12 32.15 -36.17
N LEU A 617 -0.26 31.41 -35.07
CA LEU A 617 -1.44 31.58 -34.23
C LEU A 617 -1.43 32.94 -33.53
N ILE A 618 -0.28 33.36 -33.01
CA ILE A 618 -0.16 34.67 -32.36
C ILE A 618 -0.47 35.81 -33.35
N ASN A 619 -0.03 35.67 -34.61
CA ASN A 619 -0.40 36.67 -35.62
C ASN A 619 -1.87 36.63 -35.98
N GLN A 620 -2.50 35.45 -35.89
CA GLN A 620 -3.92 35.37 -36.18
C GLN A 620 -4.79 36.00 -35.08
N TYR A 621 -4.38 35.95 -33.81
CA TYR A 621 -5.31 36.21 -32.71
C TYR A 621 -4.89 37.29 -31.73
N ILE A 622 -3.60 37.56 -31.57
CA ILE A 622 -3.14 38.37 -30.45
C ILE A 622 -2.50 39.65 -30.98
N GLU A 623 -1.43 39.53 -31.76
CA GLU A 623 -0.71 40.67 -32.28
C GLU A 623 -0.30 40.39 -33.71
N THR A 624 -0.69 41.27 -34.64
CA THR A 624 -0.14 41.22 -35.99
C THR A 624 1.23 41.84 -36.06
N ASN A 625 2.03 41.68 -35.00
CA ASN A 625 3.41 42.14 -34.85
C ASN A 625 3.49 43.64 -34.54
N PHE A 626 2.82 44.48 -35.33
CA PHE A 626 2.80 45.91 -35.05
C PHE A 626 1.59 46.35 -34.22
N ALA A 627 0.40 45.99 -34.64
CA ALA A 627 -0.84 46.24 -33.90
C ALA A 627 -1.51 44.93 -33.51
N ALA A 628 -2.42 45.02 -32.54
CA ALA A 628 -3.10 43.82 -32.06
C ALA A 628 -4.09 43.31 -33.11
N SER A 629 -4.16 41.98 -33.24
CA SER A 629 -5.16 41.34 -34.09
C SER A 629 -6.47 41.29 -33.31
N ALA A 630 -7.44 40.47 -33.74
CA ALA A 630 -8.68 40.47 -32.97
C ALA A 630 -9.44 39.14 -33.00
N ALA A 631 -10.61 39.14 -33.62
CA ALA A 631 -11.57 38.04 -33.54
C ALA A 631 -11.98 37.83 -32.08
N LEU B 15 10.33 -39.10 7.94
CA LEU B 15 10.22 -38.86 6.50
C LEU B 15 9.13 -39.75 5.87
N PRO B 16 7.87 -39.49 6.21
CA PRO B 16 6.79 -40.40 5.84
C PRO B 16 6.43 -40.29 4.36
N SER B 17 5.70 -41.31 3.90
CA SER B 17 5.27 -41.40 2.52
C SER B 17 3.76 -41.38 2.35
N GLN B 18 3.01 -41.96 3.29
CA GLN B 18 1.55 -41.83 3.36
C GLN B 18 1.13 -41.49 4.77
N VAL B 19 0.05 -40.70 4.88
CA VAL B 19 -0.63 -40.45 6.15
C VAL B 19 -2.13 -40.39 5.91
N LYS B 20 -2.88 -40.78 6.94
CA LYS B 20 -4.32 -40.55 6.91
C LYS B 20 -4.64 -39.06 6.78
N VAL B 21 -3.95 -38.22 7.54
CA VAL B 21 -4.27 -36.80 7.58
C VAL B 21 -2.96 -36.02 7.52
N ALA B 22 -2.83 -35.13 6.54
CA ALA B 22 -1.62 -34.32 6.38
C ALA B 22 -1.93 -32.89 6.78
N ILE B 23 -1.21 -32.39 7.80
CA ILE B 23 -1.35 -31.02 8.25
C ILE B 23 -0.16 -30.22 7.74
N VAL B 24 -0.41 -29.02 7.22
CA VAL B 24 0.62 -28.16 6.67
C VAL B 24 0.66 -26.90 7.50
N GLY B 25 1.81 -26.67 8.14
CA GLY B 25 1.97 -25.52 8.99
C GLY B 25 2.01 -25.90 10.45
N ALA B 26 3.15 -25.67 11.10
CA ALA B 26 3.24 -25.80 12.54
C ALA B 26 3.00 -24.46 13.22
N GLY B 27 2.07 -23.67 12.72
CA GLY B 27 1.53 -22.57 13.49
C GLY B 27 0.58 -23.10 14.52
N MET B 28 -0.09 -22.17 15.20
CA MET B 28 -1.12 -22.60 16.13
C MET B 28 -2.20 -23.39 15.42
N SER B 29 -2.55 -22.98 14.20
CA SER B 29 -3.62 -23.66 13.51
C SER B 29 -3.28 -25.13 13.27
N GLY B 30 -2.01 -25.42 12.93
CA GLY B 30 -1.64 -26.80 12.64
C GLY B 30 -1.38 -27.65 13.85
N LEU B 31 -0.88 -27.04 14.94
CA LEU B 31 -0.63 -27.79 16.17
C LEU B 31 -1.95 -28.14 16.86
N TYR B 32 -2.82 -27.14 17.02
CA TYR B 32 -4.14 -27.35 17.59
C TYR B 32 -4.92 -28.41 16.83
N SER B 33 -4.79 -28.42 15.50
CA SER B 33 -5.38 -29.47 14.68
C SER B 33 -4.82 -30.84 15.06
N ALA B 34 -3.50 -31.00 14.94
CA ALA B 34 -2.86 -32.26 15.33
C ALA B 34 -3.33 -32.71 16.70
N TRP B 35 -3.41 -31.75 17.63
CA TRP B 35 -3.67 -32.06 19.04
C TRP B 35 -5.11 -32.52 19.25
N ARG B 36 -6.09 -31.82 18.65
CA ARG B 36 -7.49 -32.23 18.76
C ARG B 36 -7.77 -33.56 18.06
N LEU B 37 -7.06 -33.85 16.97
CA LEU B 37 -7.28 -35.11 16.30
C LEU B 37 -6.70 -36.26 17.11
N GLN B 38 -5.51 -36.06 17.69
CA GLN B 38 -4.87 -37.11 18.45
C GLN B 38 -5.62 -37.40 19.74
N GLN B 39 -6.09 -36.35 20.41
CA GLN B 39 -6.82 -36.50 21.65
C GLN B 39 -8.22 -37.05 21.43
N GLU B 40 -9.09 -36.26 20.81
CA GLU B 40 -10.53 -36.49 20.90
C GLU B 40 -11.08 -37.35 19.76
N ALA B 41 -10.30 -37.61 18.72
CA ALA B 41 -10.74 -38.46 17.62
C ALA B 41 -9.79 -39.62 17.33
N ASN B 42 -8.70 -39.73 18.09
CA ASN B 42 -7.78 -40.86 18.00
C ASN B 42 -7.33 -41.16 16.56
N CYS B 43 -7.00 -40.11 15.82
CA CYS B 43 -6.42 -40.28 14.48
C CYS B 43 -4.91 -40.23 14.62
N GLN B 44 -4.30 -41.37 14.94
CA GLN B 44 -2.85 -41.45 15.15
C GLN B 44 -2.09 -41.80 13.89
N ASP B 45 -2.52 -41.30 12.72
CA ASP B 45 -1.79 -41.45 11.47
C ASP B 45 -1.74 -40.08 10.77
N LEU B 46 -1.02 -39.14 11.36
CA LEU B 46 -0.94 -37.79 10.81
C LEU B 46 0.48 -37.26 10.89
N ALA B 47 0.71 -36.15 10.21
CA ALA B 47 1.99 -35.48 10.30
C ALA B 47 1.83 -34.01 9.94
N ILE B 48 2.63 -33.16 10.60
CA ILE B 48 2.71 -31.73 10.31
C ILE B 48 4.01 -31.44 9.56
N PHE B 49 3.89 -30.86 8.37
CA PHE B 49 5.03 -30.43 7.58
C PHE B 49 5.14 -28.91 7.66
N GLU B 50 6.26 -28.42 8.19
CA GLU B 50 6.45 -27.00 8.47
C GLU B 50 7.52 -26.42 7.55
N ARG B 51 7.24 -25.20 7.05
CA ARG B 51 8.09 -24.57 6.06
C ARG B 51 9.48 -24.26 6.62
N SER B 52 9.54 -23.63 7.79
CA SER B 52 10.77 -23.07 8.30
C SER B 52 11.47 -24.05 9.24
N ASP B 53 12.45 -23.55 10.00
CA ASP B 53 13.22 -24.36 10.93
C ASP B 53 12.66 -24.29 12.36
N ARG B 54 11.41 -23.87 12.53
CA ARG B 54 10.86 -23.65 13.86
C ARG B 54 9.35 -23.80 13.84
N THR B 55 8.80 -24.19 14.99
CA THR B 55 7.36 -24.24 15.22
C THR B 55 6.91 -22.94 15.88
N GLY B 56 5.60 -22.72 15.88
CA GLY B 56 5.01 -21.58 16.54
C GLY B 56 4.47 -20.53 15.60
N GLY B 57 4.94 -20.51 14.34
CA GLY B 57 4.51 -19.51 13.38
C GLY B 57 4.72 -18.10 13.92
N ARG B 58 3.70 -17.25 13.73
CA ARG B 58 3.73 -15.86 14.17
C ARG B 58 3.70 -15.72 15.69
N LEU B 59 4.03 -16.80 16.40
CA LEU B 59 4.26 -16.77 17.84
C LEU B 59 5.75 -17.01 18.03
N ASP B 60 6.47 -15.94 18.34
CA ASP B 60 7.90 -15.98 18.60
C ASP B 60 8.14 -15.16 19.85
N SER B 61 8.40 -15.83 20.96
CA SER B 61 8.80 -15.18 22.20
C SER B 61 10.30 -15.32 22.39
N ASP B 62 10.87 -14.41 23.16
CA ASP B 62 12.32 -14.31 23.34
C ASP B 62 12.67 -14.35 24.83
N LEU B 63 13.59 -15.24 25.19
CA LEU B 63 14.12 -15.32 26.55
C LEU B 63 15.61 -15.00 26.50
N ILE B 64 15.96 -13.78 26.90
CA ILE B 64 17.34 -13.29 26.89
C ILE B 64 17.78 -13.13 28.34
N GLU B 65 18.95 -13.69 28.67
CA GLU B 65 19.46 -13.57 30.04
C GLU B 65 20.71 -12.69 30.09
N PHE B 66 20.68 -11.73 31.00
CA PHE B 66 21.68 -10.73 31.27
C PHE B 66 22.55 -11.13 32.47
N LYS B 67 23.75 -10.57 32.52
CA LYS B 67 24.60 -10.70 33.69
C LYS B 67 24.19 -9.65 34.73
N ASN B 68 24.00 -10.08 35.97
CA ASN B 68 23.71 -9.12 37.04
C ASN B 68 24.96 -8.32 37.33
N LEU B 69 24.97 -7.05 36.91
CA LEU B 69 26.12 -6.19 37.11
C LEU B 69 26.07 -5.39 38.40
N ARG B 70 24.89 -5.26 39.02
CA ARG B 70 24.77 -4.47 40.23
C ARG B 70 24.78 -5.31 41.50
N SER B 71 24.62 -6.62 41.38
CA SER B 71 24.53 -7.49 42.54
C SER B 71 25.18 -8.84 42.23
N ASP B 72 25.08 -9.76 43.18
CA ASP B 72 25.52 -11.13 42.98
C ASP B 72 24.50 -12.17 43.40
N GLU B 73 23.51 -11.80 44.21
CA GLU B 73 22.53 -12.78 44.67
C GLU B 73 21.73 -13.38 43.53
N PRO B 74 21.15 -12.61 42.60
CA PRO B 74 20.67 -13.22 41.36
C PRO B 74 21.83 -13.46 40.41
N LYS B 75 22.04 -14.72 40.05
CA LYS B 75 23.13 -15.12 39.18
C LYS B 75 23.03 -14.34 37.87
N THR B 76 22.02 -14.68 37.06
CA THR B 76 21.66 -13.90 35.89
C THR B 76 20.23 -13.39 36.05
N ILE B 77 19.89 -12.39 35.24
CA ILE B 77 18.53 -11.88 35.15
C ILE B 77 18.04 -12.14 33.72
N THR B 78 16.72 -12.15 33.53
CA THR B 78 16.14 -12.64 32.28
C THR B 78 15.02 -11.74 31.79
N VAL B 79 15.13 -11.26 30.55
CA VAL B 79 14.11 -10.42 29.94
C VAL B 79 13.25 -11.30 29.03
N LYS B 80 11.93 -11.18 29.18
CA LYS B 80 10.99 -11.86 28.29
C LYS B 80 10.50 -10.86 27.26
N GLU B 81 10.85 -11.07 26.01
CA GLU B 81 10.41 -10.19 24.94
C GLU B 81 9.61 -10.94 23.89
N GLU B 82 8.63 -10.24 23.30
CA GLU B 82 7.73 -10.83 22.31
C GLU B 82 8.02 -10.20 20.94
N GLN B 83 8.30 -11.06 19.95
CA GLN B 83 8.37 -10.63 18.55
C GLN B 83 7.07 -10.85 17.80
N GLY B 84 6.15 -11.65 18.33
CA GLY B 84 4.85 -11.83 17.73
C GLY B 84 3.73 -11.55 18.71
N GLY B 85 2.94 -12.57 19.04
CA GLY B 85 1.84 -12.39 19.97
C GLY B 85 2.32 -12.13 21.39
N MET B 86 1.58 -11.26 22.09
CA MET B 86 1.93 -10.95 23.46
C MET B 86 0.80 -11.25 24.43
N ARG B 87 -0.42 -10.81 24.15
CA ARG B 87 -1.43 -10.74 25.19
C ARG B 87 -2.69 -11.53 24.83
N PHE B 88 -3.50 -11.83 25.86
CA PHE B 88 -4.83 -12.40 25.68
C PHE B 88 -5.72 -11.88 26.80
N LEU B 89 -6.99 -12.28 26.75
CA LEU B 89 -8.03 -11.86 27.68
C LEU B 89 -8.78 -13.09 28.17
N PHE B 90 -9.33 -13.00 29.38
CA PHE B 90 -10.10 -14.09 29.96
C PHE B 90 -11.54 -14.13 29.45
N ASP B 91 -12.04 -13.03 28.86
CA ASP B 91 -13.38 -13.00 28.26
C ASP B 91 -13.29 -12.93 26.75
N GLY B 92 -14.23 -13.62 26.08
CA GLY B 92 -14.30 -13.60 24.64
C GLY B 92 -13.41 -14.60 23.94
N MET B 93 -12.56 -15.30 24.67
CA MET B 93 -11.57 -16.20 24.06
C MET B 93 -11.69 -17.61 24.65
N ASP B 94 -12.92 -18.14 24.71
CA ASP B 94 -13.19 -19.38 25.45
C ASP B 94 -12.49 -20.59 24.83
N ASP B 95 -12.20 -20.58 23.54
CA ASP B 95 -11.37 -21.63 22.98
C ASP B 95 -9.95 -21.56 23.56
N LEU B 96 -9.36 -20.36 23.63
CA LEU B 96 -7.99 -20.26 24.13
C LEU B 96 -7.90 -20.60 25.62
N MET B 97 -8.91 -20.17 26.40
CA MET B 97 -8.90 -20.53 27.82
C MET B 97 -9.08 -22.03 27.98
N ALA B 98 -9.95 -22.64 27.18
CA ALA B 98 -10.09 -24.09 27.21
C ALA B 98 -8.77 -24.75 26.86
N LEU B 99 -8.10 -24.29 25.80
CA LEU B 99 -6.82 -24.89 25.40
C LEU B 99 -5.80 -24.78 26.53
N PHE B 100 -5.62 -23.56 27.07
CA PHE B 100 -4.78 -23.35 28.24
C PHE B 100 -5.10 -24.34 29.34
N LEU B 101 -6.38 -24.43 29.71
CA LEU B 101 -6.77 -25.24 30.85
C LEU B 101 -6.48 -26.71 30.58
N LYS B 102 -6.93 -27.22 29.44
CA LYS B 102 -6.70 -28.64 29.19
C LYS B 102 -5.21 -28.92 29.01
N LEU B 103 -4.40 -27.91 28.73
CA LEU B 103 -2.97 -28.09 28.53
C LEU B 103 -2.16 -27.82 29.79
N ASN B 104 -2.80 -27.29 30.83
CA ASN B 104 -2.18 -27.04 32.14
C ASN B 104 -1.12 -25.96 32.03
N LEU B 105 -1.44 -24.90 31.30
CA LEU B 105 -0.59 -23.73 31.25
C LEU B 105 -1.10 -22.62 32.15
N GLN B 106 -2.15 -22.88 32.93
CA GLN B 106 -2.87 -21.79 33.57
C GLN B 106 -2.09 -21.17 34.73
N ASP B 107 -1.18 -21.92 35.36
CA ASP B 107 -0.41 -21.34 36.47
C ASP B 107 0.73 -20.44 36.01
N ASP B 108 0.84 -20.16 34.72
CA ASP B 108 1.87 -19.26 34.19
C ASP B 108 1.29 -17.94 33.70
N ILE B 109 0.02 -17.69 33.93
CA ILE B 109 -0.64 -16.50 33.42
C ILE B 109 -0.42 -15.34 34.37
N VAL B 110 0.13 -14.24 33.85
CA VAL B 110 0.45 -13.07 34.67
C VAL B 110 -0.16 -11.83 34.02
N PRO B 111 -0.22 -10.68 34.69
CA PRO B 111 -0.84 -9.52 34.07
C PRO B 111 -0.01 -8.95 32.93
N PHE B 112 -0.73 -8.37 31.96
CA PHE B 112 -0.14 -7.53 30.92
C PHE B 112 -0.78 -6.16 31.11
N PRO B 113 -0.27 -5.35 32.03
CA PRO B 113 -0.88 -4.03 32.26
C PRO B 113 -0.63 -3.12 31.07
N MET B 114 -1.53 -2.17 30.91
CA MET B 114 -1.64 -1.38 29.70
C MET B 114 -1.53 0.12 29.94
N ASN B 115 -1.29 0.56 31.17
CA ASN B 115 -1.25 1.98 31.45
C ASN B 115 -0.32 2.27 32.63
N SER B 116 0.00 3.55 32.81
CA SER B 116 0.79 4.01 33.95
C SER B 116 0.04 5.12 34.67
N GLY B 117 -1.26 4.97 34.81
CA GLY B 117 -2.03 5.94 35.58
C GLY B 117 -1.98 7.33 35.02
N GLY B 118 -1.80 7.45 33.72
CA GLY B 118 -1.73 8.74 33.06
C GLY B 118 -0.35 9.12 32.63
N ASN B 119 0.68 8.40 33.06
CA ASN B 119 2.06 8.82 32.81
C ASN B 119 2.69 8.21 31.56
N ASN B 120 1.93 7.42 30.80
CA ASN B 120 2.43 7.01 29.50
C ASN B 120 2.60 8.24 28.61
N ARG B 121 3.51 8.13 27.65
CA ARG B 121 3.87 9.24 26.78
C ARG B 121 2.95 9.31 25.56
N LEU B 122 2.85 10.50 25.02
CA LEU B 122 2.18 10.78 23.75
C LEU B 122 3.01 11.81 23.02
N PHE B 123 3.22 11.61 21.72
CA PHE B 123 4.04 12.56 20.95
C PHE B 123 3.36 12.83 19.61
N PHE B 124 2.94 14.07 19.38
CA PHE B 124 2.12 14.35 18.21
C PHE B 124 2.39 15.74 17.65
N ARG B 125 2.68 15.81 16.36
CA ARG B 125 2.95 17.08 15.70
C ARG B 125 4.06 17.82 16.43
N GLY B 126 5.14 17.10 16.74
CA GLY B 126 6.32 17.68 17.33
C GLY B 126 6.29 17.91 18.84
N GLU B 127 5.21 17.54 19.52
CA GLU B 127 5.04 17.81 20.94
C GLU B 127 4.95 16.53 21.75
N SER B 128 5.83 16.39 22.74
CA SER B 128 5.81 15.29 23.69
C SER B 128 5.15 15.70 24.99
N PHE B 129 4.33 14.82 25.53
CA PHE B 129 3.53 15.09 26.71
C PHE B 129 2.94 13.76 27.19
N SER B 130 2.15 13.79 28.26
CA SER B 130 1.64 12.57 28.87
C SER B 130 0.14 12.44 28.71
N VAL B 131 -0.35 11.22 28.98
CA VAL B 131 -1.78 10.93 28.96
C VAL B 131 -2.52 11.82 29.94
N SER B 132 -1.93 12.07 31.12
CA SER B 132 -2.54 13.02 32.05
C SER B 132 -2.50 14.44 31.48
N ASP B 133 -1.40 14.78 30.80
CA ASP B 133 -1.27 16.12 30.23
C ASP B 133 -2.37 16.38 29.22
N ALA B 134 -2.50 15.48 28.24
CA ALA B 134 -3.47 15.68 27.18
C ALA B 134 -4.87 15.85 27.75
N GLN B 135 -5.12 15.25 28.91
CA GLN B 135 -6.42 15.38 29.59
C GLN B 135 -6.67 16.81 30.06
N GLN B 136 -5.61 17.56 30.39
CA GLN B 136 -5.77 18.87 31.02
C GLN B 136 -6.66 19.78 30.19
N ASP B 137 -7.34 20.70 30.89
CA ASP B 137 -7.95 21.86 30.26
C ASP B 137 -9.02 21.45 29.26
N ASP B 138 -9.71 20.35 29.54
CA ASP B 138 -10.74 19.82 28.65
C ASP B 138 -10.16 19.40 27.30
N TYR B 139 -9.14 18.55 27.37
CA TYR B 139 -8.50 17.96 26.20
C TYR B 139 -7.94 19.03 25.26
N ALA B 140 -7.65 20.20 25.82
CA ALA B 140 -7.32 21.39 25.03
C ALA B 140 -6.14 21.16 24.09
N ILE B 141 -5.21 20.27 24.41
CA ILE B 141 -4.02 20.21 23.58
C ILE B 141 -4.34 19.72 22.18
N TRP B 142 -5.34 18.84 22.04
CA TRP B 142 -5.65 18.35 20.70
C TRP B 142 -6.11 19.48 19.80
N SER B 143 -6.85 20.45 20.35
CA SER B 143 -7.18 21.63 19.56
C SER B 143 -5.95 22.40 19.10
N HIS B 144 -4.81 22.22 19.78
CA HIS B 144 -3.62 22.98 19.45
C HIS B 144 -2.74 22.25 18.43
N LEU B 145 -2.68 20.93 18.49
CA LEU B 145 -1.90 20.15 17.54
C LEU B 145 -2.64 19.93 16.23
N TYR B 146 -3.97 20.10 16.19
CA TYR B 146 -4.76 19.78 15.02
C TYR B 146 -5.78 20.90 14.78
N ASN B 147 -5.96 21.26 13.51
CA ASN B 147 -6.94 22.27 13.13
C ASN B 147 -8.34 21.65 13.11
N LEU B 148 -8.88 21.39 14.30
CA LEU B 148 -10.15 20.68 14.39
C LEU B 148 -11.32 21.62 14.21
N ASP B 149 -12.46 21.06 13.80
CA ASP B 149 -13.70 21.83 13.81
C ASP B 149 -14.04 22.16 15.25
N GLN B 150 -14.77 23.26 15.46
CA GLN B 150 -15.24 23.58 16.81
C GLN B 150 -15.89 22.35 17.43
N SER B 151 -16.73 21.67 16.64
CA SER B 151 -17.45 20.47 17.03
C SER B 151 -16.53 19.31 17.41
N GLU B 152 -15.26 19.32 17.03
CA GLU B 152 -14.35 18.26 17.45
C GLU B 152 -13.41 18.71 18.59
N GLN B 153 -13.68 19.86 19.20
CA GLN B 153 -12.85 20.39 20.27
C GLN B 153 -13.43 20.04 21.63
N GLY B 154 -12.54 19.81 22.59
CA GLY B 154 -12.96 19.57 23.96
C GLY B 154 -13.43 18.16 24.26
N VAL B 155 -12.98 17.17 23.49
CA VAL B 155 -13.38 15.79 23.67
C VAL B 155 -12.15 14.92 23.58
N ASN B 156 -12.08 13.91 24.45
CA ASN B 156 -11.07 12.88 24.30
C ASN B 156 -11.13 12.32 22.88
N PRO B 157 -10.02 12.33 22.14
CA PRO B 157 -10.02 11.69 20.80
C PRO B 157 -10.62 10.29 20.78
N LYS B 158 -10.08 9.38 21.58
CA LYS B 158 -10.56 8.00 21.58
C LYS B 158 -12.03 7.89 21.96
N ASP B 159 -12.61 8.94 22.56
CA ASP B 159 -14.06 8.92 22.79
C ASP B 159 -14.86 9.18 21.50
N ILE B 160 -14.23 9.69 20.44
CA ILE B 160 -14.92 9.82 19.16
C ILE B 160 -15.26 8.44 18.59
N VAL B 161 -14.37 7.46 18.78
CA VAL B 161 -14.68 6.11 18.29
C VAL B 161 -15.98 5.59 18.90
N ASN B 162 -16.20 5.83 20.20
CA ASN B 162 -17.44 5.40 20.82
C ASN B 162 -18.63 6.17 20.28
N VAL B 163 -18.44 7.44 19.95
CA VAL B 163 -19.56 8.24 19.47
C VAL B 163 -20.00 7.74 18.10
N VAL B 164 -19.06 7.29 17.27
CA VAL B 164 -19.45 6.82 15.96
C VAL B 164 -20.14 5.47 16.08
N PHE B 165 -19.56 4.57 16.89
CA PHE B 165 -20.17 3.27 17.19
C PHE B 165 -21.62 3.44 17.64
N ASN B 166 -21.87 4.36 18.58
CA ASN B 166 -23.22 4.60 19.04
C ASN B 166 -24.12 5.16 17.94
N ARG B 167 -23.55 5.95 17.02
CA ARG B 167 -24.34 6.41 15.89
C ARG B 167 -24.77 5.25 14.99
N ILE B 168 -23.84 4.35 14.68
CA ILE B 168 -24.17 3.17 13.90
C ILE B 168 -25.26 2.34 14.57
N LEU B 169 -25.17 2.14 15.89
CA LEU B 169 -26.20 1.36 16.57
C LEU B 169 -27.55 2.06 16.49
N GLU B 170 -27.58 3.38 16.67
CA GLU B 170 -28.86 4.08 16.64
C GLU B 170 -29.45 4.12 15.24
N ALA B 171 -28.62 3.88 14.22
CA ALA B 171 -29.08 3.83 12.83
C ALA B 171 -29.55 2.43 12.45
N ASN B 172 -29.44 1.46 13.35
CA ASN B 172 -29.73 0.06 13.06
C ASN B 172 -30.56 -0.53 14.18
N PRO B 173 -31.80 -0.09 14.34
CA PRO B 173 -32.65 -0.64 15.41
C PRO B 173 -32.82 -2.16 15.33
N GLN B 174 -32.79 -2.74 14.13
CA GLN B 174 -32.88 -4.19 13.97
C GLN B 174 -31.72 -4.92 14.65
N PHE B 175 -30.65 -4.21 15.01
CA PHE B 175 -29.51 -4.82 15.69
C PHE B 175 -29.71 -4.60 17.18
N GLN B 176 -30.40 -5.54 17.82
CA GLN B 176 -30.69 -5.50 19.25
C GLN B 176 -29.67 -6.29 20.08
N GLN B 177 -28.75 -7.00 19.45
CA GLN B 177 -27.69 -7.73 20.13
C GLN B 177 -26.94 -6.79 21.07
N ARG B 178 -26.94 -7.12 22.37
CA ARG B 178 -26.21 -6.33 23.38
C ARG B 178 -25.55 -7.24 24.40
N PRO B 179 -24.70 -8.16 23.96
CA PRO B 179 -24.15 -9.16 24.88
C PRO B 179 -23.22 -8.52 25.90
N LYS B 180 -23.14 -9.15 27.08
CA LYS B 180 -22.18 -8.70 28.08
C LYS B 180 -20.78 -8.67 27.50
N VAL B 181 -20.39 -9.73 26.78
CA VAL B 181 -19.12 -9.78 26.07
C VAL B 181 -19.39 -9.66 24.58
N ARG B 182 -18.70 -8.73 23.93
CA ARG B 182 -18.88 -8.54 22.49
C ARG B 182 -17.79 -9.33 21.79
N GLY B 183 -18.06 -10.62 21.56
CA GLY B 183 -17.10 -11.51 20.96
C GLY B 183 -17.29 -11.71 19.46
N PRO B 184 -16.62 -12.71 18.90
CA PRO B 184 -16.58 -12.83 17.44
C PRO B 184 -17.95 -12.87 16.80
N GLN B 185 -18.84 -13.71 17.30
CA GLN B 185 -20.18 -13.80 16.74
C GLN B 185 -20.81 -12.42 16.64
N PHE B 186 -20.81 -11.66 17.74
CA PHE B 186 -21.38 -10.31 17.74
C PHE B 186 -20.85 -9.49 16.58
N TRP B 187 -19.53 -9.50 16.40
CA TRP B 187 -18.89 -8.62 15.43
C TRP B 187 -19.14 -9.06 14.00
N GLN B 188 -19.13 -10.37 13.75
CA GLN B 188 -19.57 -10.85 12.44
C GLN B 188 -20.99 -10.36 12.15
N ASP B 189 -21.89 -10.51 13.14
CA ASP B 189 -23.25 -10.02 12.95
C ASP B 189 -23.27 -8.51 12.71
N PHE B 190 -22.46 -7.76 13.48
CA PHE B 190 -22.37 -6.31 13.35
C PHE B 190 -21.94 -5.89 11.94
N ARG B 191 -20.87 -6.49 11.41
CA ARG B 191 -20.37 -6.01 10.14
C ARG B 191 -21.18 -6.50 8.94
N LEU B 192 -21.92 -7.60 9.06
CA LEU B 192 -22.70 -8.09 7.92
C LEU B 192 -24.13 -7.59 7.94
N GLU B 193 -24.67 -7.25 9.11
CA GLU B 193 -26.07 -6.87 9.24
C GLU B 193 -26.28 -5.36 9.41
N CYS B 194 -25.28 -4.62 9.85
CA CYS B 194 -25.48 -3.21 10.12
C CYS B 194 -25.12 -2.38 8.90
N GLN B 195 -25.91 -1.34 8.65
CA GLN B 195 -25.75 -0.53 7.47
C GLN B 195 -25.45 0.91 7.85
N TRP B 196 -24.73 1.61 6.99
CA TRP B 196 -24.67 3.07 7.01
C TRP B 196 -25.09 3.54 5.64
N LYS B 197 -26.09 4.42 5.58
CA LYS B 197 -26.52 4.98 4.31
C LYS B 197 -26.96 3.85 3.37
N GLY B 198 -27.64 2.86 3.93
CA GLY B 198 -28.24 1.77 3.18
C GLY B 198 -27.30 0.63 2.85
N GLN B 199 -26.06 0.67 3.30
CA GLN B 199 -25.06 -0.31 2.88
C GLN B 199 -24.37 -0.89 4.10
N GLY B 200 -24.25 -2.20 4.13
CA GLY B 200 -23.64 -2.84 5.28
C GLY B 200 -22.21 -2.41 5.47
N LEU B 201 -21.80 -2.38 6.74
CA LEU B 201 -20.48 -1.92 7.15
C LEU B 201 -19.35 -2.64 6.43
N ASN B 202 -19.58 -3.85 5.93
CA ASN B 202 -18.49 -4.46 5.19
C ASN B 202 -18.23 -3.79 3.83
N GLN B 203 -19.10 -2.86 3.41
CA GLN B 203 -18.91 -2.07 2.20
C GLN B 203 -18.21 -0.73 2.44
N TRP B 204 -17.83 -0.42 3.68
CA TRP B 204 -17.27 0.87 4.06
C TRP B 204 -15.86 0.71 4.62
N THR B 205 -15.05 1.75 4.47
CA THR B 205 -13.87 1.92 5.29
C THR B 205 -14.19 2.90 6.43
N LEU B 206 -13.32 2.93 7.44
CA LEU B 206 -13.48 3.98 8.45
C LEU B 206 -13.16 5.36 7.87
N TRP B 207 -12.19 5.43 6.95
CA TRP B 207 -11.89 6.72 6.31
C TRP B 207 -13.13 7.28 5.63
N ASP B 208 -13.83 6.45 4.86
CA ASP B 208 -14.97 6.99 4.13
C ASP B 208 -16.13 7.24 5.06
N LEU B 209 -16.32 6.36 6.05
CA LEU B 209 -17.40 6.50 7.01
C LEU B 209 -17.28 7.79 7.80
N TYR B 210 -16.14 7.96 8.47
CA TYR B 210 -15.95 9.14 9.30
C TYR B 210 -16.14 10.40 8.48
N THR B 211 -15.51 10.45 7.30
CA THR B 211 -15.71 11.57 6.38
C THR B 211 -17.19 11.78 6.11
N ASP B 212 -17.85 10.73 5.62
CA ASP B 212 -19.27 10.87 5.28
C ASP B 212 -20.07 11.43 6.44
N MET B 213 -19.71 11.05 7.67
CA MET B 213 -20.40 11.50 8.87
C MET B 213 -20.17 12.98 9.18
N GLY B 214 -19.23 13.64 8.51
CA GLY B 214 -19.02 15.07 8.69
C GLY B 214 -17.77 15.44 9.46
N TYR B 215 -16.92 14.49 9.78
CA TYR B 215 -15.70 14.77 10.52
C TYR B 215 -14.67 15.41 9.59
N SER B 216 -13.88 16.32 10.16
CA SER B 216 -12.84 16.99 9.40
C SER B 216 -11.65 16.07 9.20
N GLN B 217 -10.86 16.36 8.16
CA GLN B 217 -9.73 15.49 7.87
C GLN B 217 -8.63 15.66 8.90
N GLU B 218 -8.49 16.87 9.48
CA GLU B 218 -7.64 17.02 10.65
C GLU B 218 -8.06 16.02 11.72
N CYS B 219 -9.34 16.01 12.06
CA CYS B 219 -9.83 15.11 13.10
C CYS B 219 -9.54 13.64 12.78
N ILE B 220 -9.80 13.22 11.54
CA ILE B 220 -9.54 11.84 11.15
C ILE B 220 -8.06 11.50 11.33
N THR B 221 -7.17 12.38 10.83
CA THR B 221 -5.73 12.12 10.98
C THR B 221 -5.34 12.00 12.45
N MET B 222 -5.87 12.89 13.29
CA MET B 222 -5.64 12.75 14.72
C MET B 222 -6.07 11.37 15.19
N LEU B 223 -7.20 10.88 14.68
CA LEU B 223 -7.71 9.58 15.09
C LEU B 223 -6.73 8.45 14.75
N TYR B 224 -6.33 8.31 13.49
CA TYR B 224 -5.51 7.14 13.17
C TYR B 224 -4.05 7.31 13.60
N ARG B 225 -3.66 8.47 14.11
CA ARG B 225 -2.36 8.57 14.73
C ARG B 225 -2.38 8.15 16.20
N VAL B 226 -3.33 8.68 16.99
CA VAL B 226 -3.33 8.38 18.43
C VAL B 226 -3.41 6.88 18.66
N LEU B 227 -4.20 6.17 17.85
CA LEU B 227 -4.44 4.75 18.05
C LEU B 227 -3.23 3.88 17.72
N GLY B 228 -2.15 4.45 17.18
CA GLY B 228 -0.94 3.69 16.93
C GLY B 228 -0.99 2.87 15.65
N PHE B 229 -2.15 2.30 15.36
CA PHE B 229 -2.35 1.53 14.15
C PHE B 229 -3.30 2.30 13.24
N ASN B 230 -2.89 2.51 11.98
CA ASN B 230 -3.69 3.28 11.03
C ASN B 230 -4.42 2.42 10.01
N GLY B 231 -4.00 1.17 9.81
CA GLY B 231 -4.68 0.31 8.85
C GLY B 231 -6.18 0.31 9.04
N THR B 232 -6.65 0.56 10.26
CA THR B 232 -8.08 0.65 10.50
C THR B 232 -8.75 1.75 9.68
N PHE B 233 -8.00 2.78 9.29
CA PHE B 233 -8.54 3.87 8.49
C PHE B 233 -8.00 3.90 7.07
N LEU B 234 -6.70 3.66 6.88
CA LEU B 234 -6.04 3.88 5.59
C LEU B 234 -5.86 2.62 4.74
N SER B 235 -6.07 1.43 5.31
CA SER B 235 -5.90 0.18 4.59
C SER B 235 -7.21 -0.16 3.88
N GLN B 236 -7.29 -1.36 3.29
CA GLN B 236 -8.51 -1.83 2.64
C GLN B 236 -9.46 -2.57 3.58
N MET B 237 -9.19 -2.66 4.87
CA MET B 237 -10.12 -3.40 5.71
C MET B 237 -11.41 -2.62 5.85
N ASN B 238 -12.51 -3.32 6.09
CA ASN B 238 -13.79 -2.63 6.09
C ASN B 238 -14.13 -2.14 7.50
N ALA B 239 -15.13 -1.25 7.59
CA ALA B 239 -15.41 -0.57 8.84
C ALA B 239 -15.93 -1.50 9.93
N GLY B 240 -16.65 -2.55 9.55
CA GLY B 240 -17.19 -3.43 10.56
C GLY B 240 -16.12 -4.21 11.27
N VAL B 241 -15.10 -4.66 10.55
CA VAL B 241 -14.05 -5.39 11.23
C VAL B 241 -13.14 -4.40 11.92
N ALA B 242 -13.12 -3.16 11.44
CA ALA B 242 -12.38 -2.11 12.13
C ALA B 242 -12.83 -1.98 13.57
N TYR B 243 -14.16 -2.02 13.81
CA TYR B 243 -14.67 -1.84 15.17
C TYR B 243 -14.48 -3.08 16.05
N GLN B 244 -14.28 -4.26 15.47
CA GLN B 244 -13.86 -5.41 16.25
C GLN B 244 -12.51 -5.14 16.93
N LEU B 245 -11.59 -4.48 16.23
CA LEU B 245 -10.25 -4.22 16.74
C LEU B 245 -10.22 -3.01 17.69
N LEU B 246 -11.03 -2.00 17.43
CA LEU B 246 -11.14 -0.87 18.34
C LEU B 246 -11.90 -1.26 19.61
N GLU B 247 -13.17 -1.64 19.48
CA GLU B 247 -14.03 -1.92 20.62
C GLU B 247 -13.76 -3.32 21.18
N ASP B 248 -12.55 -3.81 20.95
CA ASP B 248 -11.99 -4.90 21.75
C ASP B 248 -11.37 -4.40 23.05
N PHE B 249 -11.25 -3.07 23.20
CA PHE B 249 -10.72 -2.39 24.39
C PHE B 249 -11.85 -1.72 25.16
N PRO B 250 -12.77 -2.45 25.85
CA PRO B 250 -13.72 -1.76 26.74
C PRO B 250 -13.02 -1.04 27.89
N ALA B 251 -13.77 -0.69 28.93
CA ALA B 251 -13.30 0.16 30.00
C ALA B 251 -12.07 -0.41 30.72
N GLY B 252 -12.29 -1.20 31.77
CA GLY B 252 -11.21 -1.69 32.58
C GLY B 252 -10.62 -3.00 32.10
N VAL B 253 -10.08 -3.02 30.88
CA VAL B 253 -9.52 -4.24 30.33
C VAL B 253 -8.28 -4.65 31.10
N LYS B 254 -8.22 -5.91 31.51
CA LYS B 254 -7.05 -6.47 32.15
C LYS B 254 -6.54 -7.59 31.24
N PHE B 255 -5.64 -7.24 30.34
CA PHE B 255 -5.02 -8.24 29.50
C PHE B 255 -4.08 -9.11 30.32
N LYS B 256 -3.76 -10.26 29.76
CA LYS B 256 -2.91 -11.24 30.40
C LYS B 256 -1.89 -11.71 29.39
N THR B 257 -0.78 -12.25 29.90
CA THR B 257 0.23 -12.94 29.11
C THR B 257 0.77 -14.12 29.89
N PHE B 258 1.74 -14.82 29.28
CA PHE B 258 2.45 -15.91 29.93
C PHE B 258 3.75 -15.41 30.54
N LYS B 259 4.09 -15.95 31.72
CA LYS B 259 5.32 -15.57 32.40
C LYS B 259 6.54 -15.71 31.49
N ASP B 260 6.68 -16.87 30.85
CA ASP B 260 7.84 -17.16 30.02
C ASP B 260 7.62 -16.79 28.57
N GLY B 261 6.66 -15.92 28.28
CA GLY B 261 6.35 -15.53 26.92
C GLY B 261 5.27 -16.40 26.29
N PHE B 262 4.63 -15.84 25.25
CA PHE B 262 3.55 -16.54 24.58
C PHE B 262 3.99 -17.86 23.95
N SER B 263 5.28 -18.03 23.63
CA SER B 263 5.71 -19.25 22.93
C SER B 263 5.51 -20.51 23.76
N THR B 264 5.23 -20.38 25.06
CA THR B 264 4.91 -21.55 25.86
C THR B 264 3.76 -22.35 25.27
N LEU B 265 2.79 -21.66 24.63
CA LEU B 265 1.61 -22.38 24.07
C LEU B 265 2.00 -23.31 22.95
N PRO B 266 2.62 -22.88 21.84
CA PRO B 266 3.00 -23.86 20.82
C PRO B 266 4.10 -24.79 21.31
N ASN B 267 4.91 -24.34 22.29
CA ASN B 267 5.92 -25.20 22.89
C ASN B 267 5.27 -26.41 23.55
N LYS B 268 4.21 -26.16 24.33
CA LYS B 268 3.50 -27.25 24.99
C LYS B 268 2.74 -28.11 23.98
N LEU B 269 2.20 -27.49 22.93
CA LEU B 269 1.55 -28.26 21.87
C LEU B 269 2.53 -29.17 21.13
N VAL B 270 3.81 -28.78 21.07
CA VAL B 270 4.81 -29.65 20.47
C VAL B 270 4.98 -30.93 21.28
N GLU B 271 5.12 -30.79 22.60
CA GLU B 271 5.36 -31.98 23.42
C GLU B 271 4.22 -32.98 23.32
N GLU B 272 2.97 -32.51 23.42
CA GLU B 272 1.82 -33.40 23.35
C GLU B 272 1.59 -34.00 21.97
N VAL B 273 2.07 -33.36 20.90
CA VAL B 273 1.91 -33.94 19.57
C VAL B 273 3.03 -34.92 19.28
N GLY B 274 4.21 -34.69 19.83
CA GLY B 274 5.34 -35.55 19.59
C GLY B 274 6.28 -34.95 18.57
N THR B 275 7.51 -34.62 18.98
CA THR B 275 8.47 -34.03 18.06
C THR B 275 8.67 -34.90 16.83
N ASN B 276 8.38 -36.20 16.92
CA ASN B 276 8.54 -37.11 15.79
C ASN B 276 7.37 -37.08 14.82
N ASN B 277 6.33 -36.28 15.08
CA ASN B 277 5.24 -36.12 14.12
C ASN B 277 5.30 -34.77 13.41
N ILE B 278 6.35 -34.00 13.63
CA ILE B 278 6.48 -32.66 13.08
C ILE B 278 7.78 -32.58 12.29
N HIS B 279 7.68 -32.14 11.04
CA HIS B 279 8.81 -32.07 10.11
C HIS B 279 9.04 -30.62 9.70
N LEU B 280 10.06 -29.99 10.28
CA LEU B 280 10.43 -28.62 9.95
C LEU B 280 11.19 -28.58 8.62
N GLN B 281 11.35 -27.36 8.10
CA GLN B 281 12.10 -27.13 6.86
C GLN B 281 11.55 -28.02 5.75
N THR B 282 10.24 -28.18 5.73
CA THR B 282 9.57 -28.95 4.69
C THR B 282 8.46 -28.07 4.10
N THR B 283 8.70 -27.58 2.89
CA THR B 283 7.78 -26.68 2.21
C THR B 283 6.90 -27.50 1.29
N ILE B 284 5.61 -27.54 1.57
CA ILE B 284 4.70 -28.16 0.61
C ILE B 284 4.58 -27.24 -0.58
N GLU B 285 4.87 -27.74 -1.78
CA GLU B 285 5.03 -26.89 -2.96
C GLU B 285 3.83 -26.95 -3.91
N GLU B 286 3.39 -28.14 -4.34
CA GLU B 286 2.09 -28.27 -5.01
C GLU B 286 1.24 -29.32 -4.33
N ILE B 287 -0.07 -29.21 -4.55
CA ILE B 287 -1.03 -30.20 -4.10
C ILE B 287 -1.72 -30.75 -5.33
N ASP B 288 -1.37 -31.97 -5.71
CA ASP B 288 -2.11 -32.71 -6.72
C ASP B 288 -3.12 -33.63 -6.04
N PHE B 289 -4.08 -34.12 -6.82
CA PHE B 289 -5.03 -35.12 -6.33
C PHE B 289 -5.00 -36.31 -7.28
N ASN B 290 -4.64 -37.48 -6.74
CA ASN B 290 -4.53 -38.69 -7.54
C ASN B 290 -5.92 -39.23 -7.86
N GLU B 291 -6.16 -39.49 -9.14
CA GLU B 291 -7.47 -39.94 -9.60
C GLU B 291 -7.74 -41.38 -9.17
N GLU B 292 -6.95 -42.33 -9.66
CA GLU B 292 -7.20 -43.74 -9.36
C GLU B 292 -7.00 -44.03 -7.87
N SER B 293 -5.95 -43.48 -7.27
CA SER B 293 -5.66 -43.81 -5.88
C SER B 293 -6.56 -43.08 -4.88
N GLY B 294 -7.13 -41.94 -5.27
CA GLY B 294 -8.00 -41.20 -4.38
C GLY B 294 -7.30 -40.46 -3.26
N LEU B 295 -5.98 -40.40 -3.29
CA LEU B 295 -5.20 -39.70 -2.27
C LEU B 295 -4.76 -38.34 -2.80
N TYR B 296 -4.72 -37.35 -1.92
CA TYR B 296 -4.01 -36.14 -2.24
C TYR B 296 -2.52 -36.45 -2.30
N GLU B 297 -1.85 -35.87 -3.28
CA GLU B 297 -0.39 -35.93 -3.38
C GLU B 297 0.13 -34.53 -3.09
N LEU B 298 1.01 -34.42 -2.10
CA LEU B 298 1.59 -33.14 -1.68
C LEU B 298 3.07 -33.17 -2.00
N SER B 299 3.50 -32.36 -2.99
CA SER B 299 4.91 -32.31 -3.38
C SER B 299 5.63 -31.28 -2.52
N TYR B 300 6.73 -31.70 -1.89
CA TYR B 300 7.40 -30.84 -0.91
C TYR B 300 8.84 -30.57 -1.33
N ALA B 301 9.53 -29.86 -0.45
CA ALA B 301 10.94 -29.55 -0.57
C ALA B 301 11.49 -29.46 0.85
N HIS B 302 12.50 -30.26 1.15
CA HIS B 302 12.97 -30.43 2.52
C HIS B 302 14.48 -30.28 2.56
N ILE B 303 14.95 -29.35 3.38
CA ILE B 303 16.38 -29.16 3.60
C ILE B 303 16.79 -30.04 4.77
N ASP B 304 17.70 -30.98 4.52
CA ASP B 304 18.13 -31.91 5.56
C ASP B 304 18.95 -31.20 6.62
N ALA B 305 19.47 -31.97 7.58
CA ALA B 305 20.35 -31.44 8.61
C ALA B 305 21.69 -30.97 8.06
N HIS B 306 22.03 -31.36 6.83
CA HIS B 306 23.26 -30.97 6.16
C HIS B 306 23.07 -29.83 5.16
N GLY B 307 21.93 -29.14 5.21
CA GLY B 307 21.69 -27.99 4.35
C GLY B 307 21.56 -28.29 2.87
N LYS B 308 21.17 -29.50 2.50
CA LYS B 308 21.06 -29.91 1.10
C LYS B 308 19.65 -30.38 0.79
N ILE B 309 19.18 -30.05 -0.40
CA ILE B 309 17.76 -30.05 -0.72
C ILE B 309 17.31 -31.43 -1.20
N HIS B 310 16.11 -31.84 -0.76
CA HIS B 310 15.39 -32.95 -1.35
C HIS B 310 14.02 -32.48 -1.80
N LYS B 311 13.61 -32.91 -2.98
CA LYS B 311 12.26 -32.74 -3.47
C LYS B 311 11.54 -34.08 -3.36
N GLY B 312 10.35 -34.08 -2.76
CA GLY B 312 9.66 -35.34 -2.51
C GLY B 312 8.17 -35.17 -2.34
N LEU B 313 7.50 -36.30 -2.11
CA LEU B 313 6.06 -36.41 -2.19
C LEU B 313 5.52 -37.18 -0.99
N VAL B 314 4.38 -36.73 -0.48
CA VAL B 314 3.68 -37.37 0.63
C VAL B 314 2.20 -37.49 0.27
N LYS B 315 1.66 -38.70 0.40
CA LYS B 315 0.26 -38.92 0.08
C LYS B 315 -0.61 -38.73 1.32
N ALA B 316 -1.89 -38.43 1.10
CA ALA B 316 -2.77 -38.10 2.21
C ALA B 316 -4.22 -38.40 1.85
N GLU B 317 -4.97 -38.92 2.83
CA GLU B 317 -6.41 -39.10 2.65
C GLU B 317 -7.18 -37.83 2.94
N LYS B 318 -6.62 -36.96 3.79
CA LYS B 318 -7.26 -35.72 4.19
C LYS B 318 -6.14 -34.69 4.38
N VAL B 319 -6.43 -33.44 4.06
CA VAL B 319 -5.43 -32.39 4.02
C VAL B 319 -5.94 -31.20 4.82
N ILE B 320 -5.11 -30.72 5.75
CA ILE B 320 -5.44 -29.60 6.63
C ILE B 320 -4.41 -28.52 6.42
N LEU B 321 -4.81 -27.42 5.78
CA LEU B 321 -3.95 -26.26 5.58
C LEU B 321 -4.21 -25.26 6.70
N GLY B 322 -3.32 -25.23 7.69
CA GLY B 322 -3.34 -24.16 8.66
C GLY B 322 -2.47 -23.03 8.15
N LEU B 323 -2.91 -22.39 7.06
CA LEU B 323 -2.07 -21.45 6.34
C LEU B 323 -2.75 -20.08 6.22
N PRO B 324 -1.96 -19.01 6.22
CA PRO B 324 -2.51 -17.67 6.00
C PRO B 324 -2.72 -17.44 4.51
N ARG B 325 -3.30 -16.29 4.19
CA ARG B 325 -3.74 -16.04 2.82
C ARG B 325 -2.62 -16.22 1.80
N LEU B 326 -1.46 -15.60 2.03
CA LEU B 326 -0.43 -15.56 1.00
C LEU B 326 0.16 -16.95 0.74
N ALA B 327 0.33 -17.76 1.78
CA ALA B 327 0.76 -19.13 1.55
C ALA B 327 -0.26 -19.88 0.71
N LEU B 328 -1.54 -19.66 0.97
CA LEU B 328 -2.58 -20.33 0.20
C LEU B 328 -2.47 -19.96 -1.29
N GLU B 329 -2.37 -18.66 -1.58
CA GLU B 329 -2.24 -18.23 -2.95
C GLU B 329 -1.00 -18.81 -3.62
N LYS B 330 0.12 -18.84 -2.90
CA LYS B 330 1.32 -19.47 -3.45
C LYS B 330 1.04 -20.93 -3.79
N LEU B 331 0.24 -21.61 -2.97
CA LEU B 331 -0.08 -23.00 -3.24
C LEU B 331 -1.08 -23.12 -4.38
N PHE B 332 -2.02 -22.16 -4.47
CA PHE B 332 -3.00 -22.13 -5.55
C PHE B 332 -2.31 -21.99 -6.90
N VAL B 333 -1.50 -20.94 -7.05
CA VAL B 333 -0.74 -20.67 -8.27
C VAL B 333 0.09 -21.89 -8.67
N ARG B 334 0.85 -22.45 -7.71
CA ARG B 334 1.81 -23.51 -8.02
C ARG B 334 1.13 -24.86 -8.25
N SER B 335 -0.05 -25.09 -7.67
CA SER B 335 -0.53 -26.45 -7.60
C SER B 335 -1.22 -26.86 -8.89
N ASN B 336 -1.41 -28.18 -9.02
CA ASN B 336 -1.96 -28.78 -10.22
C ASN B 336 -3.46 -28.99 -10.14
N VAL B 337 -4.02 -28.98 -8.92
CA VAL B 337 -5.44 -29.22 -8.70
C VAL B 337 -6.31 -28.02 -9.06
N ILE B 338 -5.74 -26.80 -9.11
CA ILE B 338 -6.51 -25.63 -9.52
C ILE B 338 -7.06 -25.82 -10.93
N ASN B 339 -6.23 -26.33 -11.85
CA ASN B 339 -6.69 -26.55 -13.22
C ASN B 339 -7.63 -27.74 -13.29
N ARG B 340 -7.45 -28.72 -12.41
CA ARG B 340 -8.33 -29.90 -12.38
C ARG B 340 -9.71 -29.52 -11.86
N LEU B 341 -10.14 -28.30 -12.16
CA LEU B 341 -11.33 -27.76 -11.53
C LEU B 341 -12.01 -26.79 -12.48
N ASP B 342 -13.33 -26.92 -12.59
CA ASP B 342 -14.25 -25.90 -13.05
C ASP B 342 -13.64 -24.50 -12.94
N GLN B 343 -13.68 -23.71 -14.01
CA GLN B 343 -13.07 -22.40 -13.95
C GLN B 343 -13.86 -21.45 -13.06
N ASP B 344 -15.19 -21.45 -13.19
CA ASP B 344 -16.00 -20.59 -12.32
C ASP B 344 -15.73 -20.90 -10.86
N ARG B 345 -15.63 -22.19 -10.52
CA ARG B 345 -15.29 -22.60 -9.17
C ARG B 345 -13.88 -22.12 -8.80
N SER B 346 -12.90 -22.34 -9.68
CA SER B 346 -11.55 -21.86 -9.40
C SER B 346 -11.51 -20.34 -9.24
N GLU B 347 -12.24 -19.62 -10.09
CA GLU B 347 -12.36 -18.16 -9.91
C GLU B 347 -12.95 -17.83 -8.56
N LEU B 348 -14.03 -18.52 -8.18
CA LEU B 348 -14.62 -18.28 -6.88
C LEU B 348 -13.58 -18.41 -5.77
N LEU B 349 -12.85 -19.52 -5.79
CA LEU B 349 -11.81 -19.76 -4.78
C LEU B 349 -10.84 -18.61 -4.72
N TRP B 350 -10.33 -18.19 -5.88
CA TRP B 350 -9.38 -17.09 -5.92
C TRP B 350 -9.96 -15.84 -5.31
N ASN B 351 -11.14 -15.41 -5.77
CA ASN B 351 -11.78 -14.25 -5.19
C ASN B 351 -12.02 -14.44 -3.71
N THR B 352 -12.37 -15.67 -3.31
CA THR B 352 -12.47 -16.01 -1.89
C THR B 352 -11.15 -15.71 -1.18
N LEU B 353 -10.02 -16.11 -1.77
CA LEU B 353 -8.71 -15.86 -1.16
C LEU B 353 -8.39 -14.37 -1.09
N GLN B 354 -8.95 -13.55 -1.99
CA GLN B 354 -8.68 -12.12 -2.04
C GLN B 354 -9.51 -11.32 -1.07
N SER B 355 -10.12 -11.96 -0.06
CA SER B 355 -11.19 -11.27 0.65
C SER B 355 -10.78 -10.72 2.00
N ALA B 356 -9.67 -11.19 2.56
CA ALA B 356 -9.13 -10.68 3.81
C ALA B 356 -7.82 -9.97 3.48
N SER B 357 -7.72 -8.71 3.88
CA SER B 357 -6.54 -7.91 3.54
C SER B 357 -5.31 -8.42 4.27
N ASN B 358 -4.16 -8.38 3.60
CA ASN B 358 -2.91 -8.59 4.31
C ASN B 358 -2.61 -7.34 5.11
N GLN B 359 -2.19 -7.53 6.35
CA GLN B 359 -1.94 -6.40 7.24
C GLN B 359 -0.55 -6.56 7.82
N PRO B 360 0.46 -5.92 7.23
CA PRO B 360 1.81 -6.09 7.75
C PRO B 360 1.94 -5.46 9.12
N LEU B 361 2.76 -6.09 9.96
CA LEU B 361 3.10 -5.58 11.27
C LEU B 361 4.61 -5.73 11.44
N LEU B 362 5.18 -4.91 12.34
CA LEU B 362 6.54 -5.17 12.77
C LEU B 362 6.71 -4.89 14.26
N LYS B 363 7.61 -5.65 14.87
CA LYS B 363 8.11 -5.37 16.21
C LYS B 363 9.63 -5.24 16.11
N ILE B 364 10.18 -4.14 16.64
CA ILE B 364 11.62 -4.00 16.83
C ILE B 364 11.88 -3.90 18.32
N ASN B 365 12.81 -4.69 18.81
CA ASN B 365 13.09 -4.80 20.23
C ASN B 365 14.48 -4.27 20.54
N LEU B 366 14.57 -3.32 21.46
CA LEU B 366 15.83 -2.77 21.94
C LEU B 366 15.96 -3.10 23.41
N TYR B 367 17.04 -3.75 23.78
CA TYR B 367 17.29 -4.18 25.16
C TYR B 367 18.33 -3.28 25.80
N TYR B 368 18.16 -3.03 27.10
CA TYR B 368 19.04 -2.16 27.86
C TYR B 368 19.50 -2.84 29.14
N ASP B 369 20.69 -2.47 29.61
CA ASP B 369 21.16 -2.98 30.88
C ASP B 369 20.28 -2.53 32.03
N SER B 370 19.47 -1.49 31.82
CA SER B 370 18.47 -1.04 32.79
C SER B 370 17.55 -0.05 32.09
N ALA B 371 16.38 0.17 32.68
CA ALA B 371 15.32 0.97 32.08
C ALA B 371 15.53 2.46 32.34
N TRP B 372 15.77 3.24 31.28
CA TRP B 372 16.06 4.66 31.44
C TRP B 372 14.82 5.54 31.42
N TRP B 373 13.63 4.98 31.20
CA TRP B 373 12.42 5.80 31.14
C TRP B 373 11.77 6.04 32.50
N GLY B 374 12.45 5.71 33.60
CA GLY B 374 11.93 6.00 34.91
C GLY B 374 12.15 7.45 35.34
N ARG B 375 11.35 7.86 36.33
CA ARG B 375 11.45 9.19 36.92
C ARG B 375 12.88 9.51 37.33
N GLY B 376 13.60 8.50 37.83
CA GLY B 376 14.95 8.75 38.30
C GLY B 376 15.88 9.30 37.24
N THR B 377 15.70 8.88 35.99
CA THR B 377 16.61 9.25 34.93
C THR B 377 16.01 10.19 33.89
N THR B 378 14.76 10.63 34.06
CA THR B 378 14.19 11.60 33.14
C THR B 378 13.70 12.89 33.80
N GLY B 379 13.48 12.89 35.11
CA GLY B 379 12.84 14.04 35.73
C GLY B 379 11.37 14.20 35.39
N ARG B 380 10.78 13.27 34.65
CA ARG B 380 9.36 13.27 34.31
C ARG B 380 8.66 12.07 34.95
N PRO B 381 7.33 12.09 35.11
CA PRO B 381 6.67 10.95 35.75
C PRO B 381 6.97 9.64 35.05
N ALA B 382 7.34 8.63 35.84
CA ALA B 382 7.84 7.37 35.31
C ALA B 382 6.88 6.77 34.29
N VAL B 383 7.43 6.34 33.17
CA VAL B 383 6.68 5.52 32.22
C VAL B 383 6.74 4.08 32.71
N GLU B 384 5.56 3.47 32.87
CA GLU B 384 5.51 2.15 33.48
C GLU B 384 5.15 1.07 32.46
N PHE B 385 3.86 0.90 32.18
CA PHE B 385 3.41 -0.12 31.26
C PHE B 385 2.42 0.46 30.26
N GLY B 386 2.27 -0.25 29.14
CA GLY B 386 1.30 0.14 28.14
C GLY B 386 1.92 0.84 26.95
N PRO B 387 1.09 1.19 25.98
CA PRO B 387 1.61 1.79 24.74
C PRO B 387 1.90 3.28 24.92
N ASN B 388 3.04 3.69 24.42
CA ASN B 388 3.36 5.10 24.28
C ASN B 388 3.12 5.44 22.83
N PHE B 389 2.07 6.23 22.57
CA PHE B 389 1.61 6.49 21.22
C PHE B 389 2.27 7.73 20.62
N ALA B 390 2.59 7.66 19.33
CA ALA B 390 3.16 8.82 18.65
C ALA B 390 2.87 8.74 17.17
N ASP B 391 2.71 9.91 16.54
CA ASP B 391 2.58 10.00 15.08
C ASP B 391 3.93 10.01 14.36
N LEU B 392 4.99 9.58 15.04
CA LEU B 392 6.24 9.21 14.41
C LEU B 392 6.13 7.82 13.81
N PRO B 393 7.12 7.38 13.06
CA PRO B 393 7.07 6.02 12.53
C PRO B 393 7.05 4.93 13.57
N THR B 394 7.16 5.26 14.86
CA THR B 394 7.10 4.20 15.88
C THR B 394 5.69 3.64 16.02
N GLY B 395 4.66 4.48 15.87
CA GLY B 395 3.29 4.04 16.10
C GLY B 395 3.03 3.84 17.58
N SER B 396 3.39 2.67 18.09
CA SER B 396 3.32 2.40 19.52
C SER B 396 4.67 1.90 20.01
N VAL B 397 5.00 2.24 21.26
CA VAL B 397 6.21 1.76 21.93
C VAL B 397 5.83 1.19 23.30
N TYR B 398 6.19 -0.08 23.55
CA TYR B 398 5.81 -0.84 24.77
C TYR B 398 7.03 -1.15 25.61
N PRO B 399 7.03 -0.80 26.89
CA PRO B 399 8.10 -1.26 27.78
C PRO B 399 7.87 -2.70 28.22
N PHE B 400 8.96 -3.48 28.23
CA PHE B 400 9.03 -4.85 28.71
C PHE B 400 10.17 -4.96 29.71
N TYR B 401 9.92 -5.63 30.84
CA TYR B 401 10.85 -5.67 31.95
C TYR B 401 11.36 -7.07 32.19
N ALA B 402 12.31 -7.19 33.12
CA ALA B 402 12.89 -8.49 33.43
C ALA B 402 11.92 -9.31 34.26
N VAL B 403 12.01 -10.64 34.12
CA VAL B 403 11.09 -11.51 34.86
C VAL B 403 11.38 -11.40 36.35
N ASN B 404 10.37 -11.01 37.09
CA ASN B 404 10.53 -10.79 38.52
C ASN B 404 9.25 -11.25 39.19
N GLU B 405 9.34 -12.29 40.03
CA GLU B 405 8.09 -12.81 40.59
C GLU B 405 7.41 -11.78 41.47
N GLU B 406 8.19 -10.95 42.17
CA GLU B 406 7.58 -9.97 43.07
C GLU B 406 6.86 -8.88 42.29
N LEU B 407 7.41 -8.47 41.15
CA LEU B 407 6.72 -7.48 40.33
C LEU B 407 5.42 -8.04 39.75
N ALA B 408 5.45 -9.28 39.26
CA ALA B 408 4.22 -9.92 38.81
C ALA B 408 3.15 -9.92 39.91
N ALA B 409 3.55 -10.15 41.16
CA ALA B 409 2.56 -10.19 42.24
C ALA B 409 2.00 -8.80 42.52
N ALA B 410 2.84 -7.77 42.42
CA ALA B 410 2.36 -6.41 42.59
C ALA B 410 1.38 -6.04 41.50
N LEU B 411 1.65 -6.49 40.27
CA LEU B 411 0.69 -6.26 39.20
C LEU B 411 -0.62 -6.98 39.49
N MET B 412 -0.56 -8.18 40.05
CA MET B 412 -1.80 -8.87 40.41
C MET B 412 -2.57 -8.11 41.50
N TYR B 413 -1.89 -7.60 42.50
CA TYR B 413 -2.59 -6.75 43.46
C TYR B 413 -3.24 -5.56 42.77
N GLU B 414 -2.56 -4.95 41.79
CA GLU B 414 -3.09 -3.73 41.21
C GLU B 414 -4.20 -3.98 40.18
N GLU B 415 -4.37 -5.23 39.71
CA GLU B 415 -5.46 -5.53 38.80
C GLU B 415 -6.81 -5.28 39.46
N ARG B 416 -6.95 -5.72 40.71
CA ARG B 416 -8.01 -5.24 41.57
C ARG B 416 -7.57 -4.05 42.41
N THR B 417 -6.74 -3.13 41.86
CA THR B 417 -6.11 -2.04 42.60
C THR B 417 -7.00 -1.57 43.72
N THR B 418 -8.27 -1.31 43.38
CA THR B 418 -9.23 -0.72 44.30
C THR B 418 -8.54 0.47 44.96
N HIS B 419 -8.38 0.42 46.29
CA HIS B 419 -7.67 1.46 47.01
C HIS B 419 -6.80 0.81 48.08
N PRO B 420 -5.52 0.64 47.81
CA PRO B 420 -4.62 0.03 48.79
C PRO B 420 -4.51 0.90 50.03
N SER B 421 -4.13 0.28 51.13
CA SER B 421 -3.77 1.04 52.31
C SER B 421 -2.52 1.87 52.02
N ASP B 422 -2.13 2.71 52.98
CA ASP B 422 -0.91 3.47 52.79
C ASP B 422 0.30 2.54 52.70
N ALA B 423 0.27 1.44 53.47
CA ALA B 423 1.42 0.53 53.50
C ALA B 423 1.59 -0.20 52.17
N VAL B 424 0.50 -0.66 51.57
CA VAL B 424 0.62 -1.34 50.28
C VAL B 424 1.09 -0.35 49.22
N GLU B 425 0.52 0.86 49.21
CA GLU B 425 0.96 1.89 48.27
C GLU B 425 2.47 2.11 48.36
N ALA B 426 3.04 2.05 49.56
CA ALA B 426 4.48 2.15 49.72
C ALA B 426 5.18 0.93 49.13
N LYS B 427 4.71 -0.28 49.46
CA LYS B 427 5.29 -1.48 48.85
C LYS B 427 5.22 -1.42 47.34
N LEU B 428 4.09 -0.95 46.81
CA LEU B 428 3.93 -0.84 45.36
C LEU B 428 4.94 0.12 44.76
N GLU B 429 5.14 1.28 45.39
CA GLU B 429 6.13 2.22 44.89
C GLU B 429 7.52 1.62 44.89
N ARG B 430 7.86 0.87 45.96
CA ARG B 430 9.18 0.25 46.02
C ARG B 430 9.38 -0.75 44.88
N ILE B 431 8.36 -1.56 44.59
CA ILE B 431 8.52 -2.60 43.60
C ILE B 431 8.57 -2.00 42.20
N GLY B 432 7.68 -1.03 41.92
CA GLY B 432 7.75 -0.32 40.66
C GLY B 432 9.10 0.34 40.44
N ASN B 433 9.70 0.88 41.51
CA ASN B 433 11.03 1.47 41.40
C ASN B 433 12.11 0.42 41.09
N ASP B 434 12.13 -0.68 41.83
CA ASP B 434 13.13 -1.73 41.61
C ASP B 434 13.26 -2.14 40.15
N LYS B 435 12.16 -2.09 39.39
CA LYS B 435 12.20 -2.65 38.05
C LYS B 435 13.07 -1.83 37.11
N TYR B 436 13.34 -0.57 37.46
CA TYR B 436 14.13 0.31 36.62
C TYR B 436 15.63 0.06 36.73
N GLU B 437 16.05 -0.82 37.65
CA GLU B 437 17.45 -1.14 37.85
C GLU B 437 17.80 -2.51 37.31
N ARG B 438 16.85 -3.19 36.71
CA ARG B 438 17.11 -4.47 36.11
C ARG B 438 17.06 -4.34 34.60
N PRO B 439 17.69 -5.25 33.87
CA PRO B 439 17.58 -5.21 32.40
C PRO B 439 16.13 -5.11 31.96
N ALA B 440 15.93 -4.40 30.86
CA ALA B 440 14.60 -4.14 30.33
C ALA B 440 14.73 -3.98 28.82
N ALA B 441 13.62 -3.62 28.17
CA ALA B 441 13.64 -3.55 26.72
C ALA B 441 12.43 -2.76 26.26
N LEU B 442 12.59 -2.07 25.13
CA LEU B 442 11.51 -1.32 24.51
C LEU B 442 11.17 -1.94 23.16
N THR B 443 9.88 -1.96 22.82
CA THR B 443 9.44 -2.51 21.54
C THR B 443 8.75 -1.45 20.72
N ILE B 444 9.23 -1.28 19.49
CA ILE B 444 8.53 -0.48 18.49
C ILE B 444 7.59 -1.43 17.78
N TYR B 445 6.30 -1.09 17.76
CA TYR B 445 5.24 -1.95 17.27
C TYR B 445 4.32 -1.08 16.44
N CYS B 446 4.31 -1.28 15.13
CA CYS B 446 3.53 -0.45 14.21
C CYS B 446 3.03 -1.28 13.03
N ASP B 447 2.19 -0.64 12.22
CA ASP B 447 1.46 -1.34 11.18
C ASP B 447 1.46 -0.48 9.91
N TYR B 448 0.64 -0.92 8.95
CA TYR B 448 0.37 -0.33 7.63
C TYR B 448 1.32 0.80 7.22
N LEU B 449 0.93 2.04 7.47
CA LEU B 449 1.62 3.16 6.86
C LEU B 449 3.07 3.29 7.31
N ASN B 450 3.42 2.75 8.46
CA ASN B 450 4.78 2.92 8.97
C ASN B 450 5.70 1.78 8.60
N ILE B 451 5.16 0.68 8.05
CA ILE B 451 5.99 -0.47 7.73
C ILE B 451 7.12 -0.09 6.81
N ASN B 452 6.81 0.68 5.75
CA ASN B 452 7.80 0.97 4.72
C ASN B 452 8.96 1.77 5.27
N PHE B 453 8.68 2.68 6.23
CA PHE B 453 9.76 3.43 6.85
C PHE B 453 10.79 2.51 7.47
N TRP B 454 10.35 1.58 8.31
CA TRP B 454 11.29 0.75 9.07
C TRP B 454 11.88 -0.36 8.21
N SER B 455 11.10 -0.93 7.29
CA SER B 455 11.54 -2.15 6.61
C SER B 455 12.62 -1.88 5.56
N ASN B 456 12.65 -0.68 4.96
CA ASN B 456 13.79 -0.34 4.14
C ASN B 456 14.94 0.25 4.94
N LEU B 457 14.65 1.03 6.00
CA LEU B 457 15.71 1.48 6.90
C LEU B 457 16.47 0.29 7.48
N GLN B 458 15.82 -0.88 7.59
CA GLN B 458 16.47 -2.09 8.08
C GLN B 458 17.59 -2.55 7.16
N ASN B 459 17.51 -2.26 5.85
CA ASN B 459 18.58 -2.63 4.94
C ASN B 459 19.60 -1.50 4.74
N ILE B 460 19.59 -0.48 5.60
CA ILE B 460 20.55 0.62 5.57
C ILE B 460 21.54 0.47 6.71
N GLY B 461 22.81 0.53 6.41
CA GLY B 461 23.81 0.48 7.44
C GLY B 461 24.33 -0.91 7.70
N GLU B 462 25.04 -1.03 8.82
CA GLU B 462 25.59 -2.31 9.26
C GLU B 462 24.61 -3.01 10.20
N THR B 463 24.88 -4.28 10.47
CA THR B 463 24.17 -4.93 11.56
C THR B 463 24.66 -4.39 12.89
N TYR B 464 23.71 -3.97 13.75
CA TYR B 464 24.05 -3.29 14.98
C TYR B 464 24.65 -4.26 16.00
N HIS B 465 25.81 -3.91 16.54
CA HIS B 465 26.47 -4.73 17.54
C HIS B 465 27.11 -3.82 18.59
N ASN B 466 26.51 -3.79 19.77
CA ASN B 466 27.15 -3.17 20.92
C ASN B 466 28.47 -3.89 21.19
N PRO B 467 29.61 -3.20 21.15
CA PRO B 467 30.89 -3.93 21.31
C PRO B 467 31.02 -4.59 22.68
N LYS B 468 30.49 -3.99 23.75
CA LYS B 468 30.53 -4.57 25.09
C LYS B 468 29.32 -5.46 25.37
N GLN B 469 28.77 -6.12 24.34
CA GLN B 469 27.55 -6.89 24.52
C GLN B 469 27.77 -8.10 25.42
N ASP B 470 28.98 -8.67 25.41
CA ASP B 470 29.30 -9.76 26.32
C ASP B 470 29.52 -9.28 27.75
N HIS B 471 29.85 -8.00 27.94
CA HIS B 471 29.85 -7.44 29.28
C HIS B 471 28.47 -7.55 29.91
N TYR B 472 27.41 -7.56 29.10
CA TYR B 472 26.04 -7.46 29.60
C TYR B 472 25.27 -8.77 29.52
N VAL B 473 25.31 -9.45 28.38
CA VAL B 473 24.46 -10.61 28.13
C VAL B 473 25.29 -11.88 28.24
N GLU B 474 24.72 -12.88 28.91
CA GLU B 474 25.38 -14.18 28.98
C GLU B 474 25.21 -14.95 27.67
N ASN B 475 23.97 -15.27 27.31
CA ASN B 475 23.69 -16.05 26.11
C ASN B 475 22.55 -15.45 25.30
N VAL B 476 22.80 -15.24 24.01
CA VAL B 476 21.79 -14.80 23.06
C VAL B 476 21.33 -16.01 22.26
N PRO B 477 20.05 -16.15 21.98
CA PRO B 477 19.57 -17.25 21.13
C PRO B 477 19.83 -16.97 19.66
N ASP B 478 19.42 -17.93 18.82
CA ASP B 478 19.64 -17.89 17.39
C ASP B 478 18.50 -17.23 16.62
N ASP B 479 17.26 -17.33 17.12
CA ASP B 479 16.10 -16.75 16.46
C ASP B 479 16.05 -15.23 16.66
N ILE B 480 17.21 -14.61 16.84
CA ILE B 480 17.35 -13.16 17.03
C ILE B 480 18.03 -12.59 15.79
N TYR B 481 17.30 -11.78 15.03
CA TYR B 481 17.86 -11.10 13.86
C TYR B 481 17.94 -9.62 14.19
N PRO B 482 19.15 -9.07 14.38
CA PRO B 482 19.28 -7.73 14.98
C PRO B 482 18.85 -6.64 14.02
N ALA B 483 18.66 -5.45 14.58
CA ALA B 483 18.35 -4.33 13.71
C ALA B 483 19.61 -3.79 13.07
N SER B 484 19.42 -3.01 12.01
CA SER B 484 20.53 -2.32 11.40
C SER B 484 20.92 -1.14 12.27
N THR B 485 22.17 -0.69 12.09
CA THR B 485 22.62 0.54 12.75
C THR B 485 21.67 1.69 12.44
N ALA B 486 21.14 1.73 11.22
CA ALA B 486 20.21 2.80 10.88
C ALA B 486 18.97 2.75 11.76
N VAL B 487 18.45 1.54 12.02
CA VAL B 487 17.25 1.39 12.83
C VAL B 487 17.50 1.88 14.25
N VAL B 488 18.65 1.49 14.82
CA VAL B 488 19.00 1.89 16.19
C VAL B 488 19.19 3.41 16.31
N GLU B 489 19.73 4.04 15.27
CA GLU B 489 19.89 5.50 15.30
C GLU B 489 18.53 6.18 15.37
N GLN B 490 17.60 5.76 14.51
CA GLN B 490 16.33 6.46 14.42
C GLN B 490 15.39 6.04 15.53
N ALA B 491 15.42 4.76 15.93
CA ALA B 491 14.80 4.34 17.17
C ALA B 491 15.22 5.22 18.35
N THR B 492 16.54 5.41 18.52
CA THR B 492 17.03 6.25 19.60
C THR B 492 16.57 7.69 19.43
N ARG B 493 16.58 8.21 18.20
CA ARG B 493 16.11 9.59 18.00
C ARG B 493 14.61 9.70 18.30
N PHE B 494 13.83 8.68 17.96
CA PHE B 494 12.40 8.77 18.28
C PHE B 494 12.14 8.56 19.78
N PHE B 495 12.96 7.77 20.46
CA PHE B 495 12.77 7.60 21.91
C PHE B 495 13.06 8.90 22.65
N LYS B 496 14.11 9.62 22.26
CA LYS B 496 14.38 10.91 22.88
C LYS B 496 13.15 11.79 22.80
N ASP B 497 12.53 11.86 21.60
CA ASP B 497 11.31 12.65 21.40
C ASP B 497 10.17 12.18 22.30
N ILE B 498 9.91 10.87 22.33
CA ILE B 498 8.71 10.39 22.99
C ILE B 498 8.84 10.53 24.50
N PHE B 499 9.95 10.04 25.05
CA PHE B 499 10.15 10.18 26.48
C PHE B 499 10.72 11.55 26.86
N ASN B 500 10.85 12.48 25.91
CA ASN B 500 11.11 13.88 26.23
C ASN B 500 12.35 14.02 27.09
N THR B 501 13.40 13.27 26.74
CA THR B 501 14.61 13.14 27.55
C THR B 501 15.84 13.24 26.66
N HIS B 502 16.93 13.81 27.19
CA HIS B 502 18.19 13.82 26.45
C HIS B 502 18.86 12.47 26.46
N TYR B 503 18.50 11.60 27.38
CA TYR B 503 19.28 10.43 27.72
C TYR B 503 18.62 9.16 27.18
N VAL B 504 19.09 8.68 26.03
CA VAL B 504 18.78 7.33 25.55
C VAL B 504 20.06 6.59 25.16
N PRO B 505 20.60 5.73 26.03
CA PRO B 505 21.87 5.07 25.74
C PRO B 505 21.72 4.11 24.57
N ALA B 506 22.84 3.53 24.15
CA ALA B 506 22.79 2.54 23.09
C ALA B 506 22.27 1.21 23.66
N PRO B 507 21.40 0.53 22.95
CA PRO B 507 20.97 -0.81 23.40
C PRO B 507 22.15 -1.77 23.47
N VAL B 508 22.10 -2.67 24.45
CA VAL B 508 23.07 -3.76 24.47
C VAL B 508 22.71 -4.80 23.43
N LEU B 509 21.44 -4.89 23.03
CA LEU B 509 20.96 -5.96 22.18
C LEU B 509 19.70 -5.49 21.46
N THR B 510 19.55 -5.91 20.19
CA THR B 510 18.40 -5.53 19.38
C THR B 510 17.91 -6.71 18.58
N SER B 511 16.62 -6.66 18.21
CA SER B 511 16.05 -7.60 17.25
C SER B 511 15.04 -6.88 16.37
N ALA B 512 14.87 -7.41 15.16
CA ALA B 512 13.93 -6.87 14.18
C ALA B 512 13.07 -7.99 13.63
N ARG B 513 11.78 -7.70 13.42
CA ARG B 513 10.87 -8.67 12.84
C ARG B 513 9.84 -7.93 11.99
N ILE B 514 9.91 -8.09 10.67
CA ILE B 514 8.94 -7.49 9.77
C ILE B 514 8.00 -8.59 9.31
N TRP B 515 6.76 -8.52 9.79
CA TRP B 515 5.72 -9.47 9.43
C TRP B 515 5.00 -8.95 8.20
N GLU B 516 5.70 -9.07 7.08
CA GLU B 516 5.20 -8.64 5.78
C GLU B 516 5.54 -9.72 4.78
N GLY B 517 4.52 -10.26 4.11
CA GLY B 517 4.73 -11.37 3.21
C GLY B 517 5.57 -10.98 2.01
N SER B 518 6.26 -11.96 1.45
CA SER B 518 7.12 -11.70 0.30
C SER B 518 6.79 -12.71 -0.82
N VAL B 519 7.07 -12.29 -2.04
CA VAL B 519 6.97 -13.15 -3.23
C VAL B 519 8.32 -13.32 -3.93
N LYS B 520 9.40 -12.87 -3.29
CA LYS B 520 10.73 -12.83 -3.89
C LYS B 520 11.59 -13.98 -3.40
N PHE B 521 12.18 -14.73 -4.34
CA PHE B 521 13.05 -15.85 -4.00
C PHE B 521 14.43 -15.39 -3.52
N ASP B 522 15.01 -16.18 -2.62
CA ASP B 522 16.43 -16.17 -2.22
C ASP B 522 16.78 -15.13 -1.17
N ILE B 523 15.83 -14.63 -0.40
CA ILE B 523 16.13 -14.06 0.91
C ILE B 523 16.04 -15.26 1.85
N PRO B 524 16.89 -15.40 2.87
CA PRO B 524 16.89 -16.64 3.66
C PRO B 524 15.50 -16.99 4.16
N ALA B 525 15.11 -18.26 3.98
CA ALA B 525 13.72 -18.67 4.15
C ALA B 525 13.18 -18.31 5.52
N ASN B 526 13.98 -18.51 6.57
CA ASN B 526 13.60 -18.11 7.92
C ASN B 526 14.01 -16.68 8.27
N ARG B 527 14.55 -15.93 7.31
CA ARG B 527 14.83 -14.51 7.50
C ARG B 527 13.65 -13.64 7.09
N GLN B 528 12.68 -14.18 6.34
CA GLN B 528 11.44 -13.47 6.09
C GLN B 528 10.22 -14.32 6.50
N PHE B 529 9.13 -13.60 6.74
CA PHE B 529 8.01 -14.07 7.52
C PHE B 529 6.75 -13.58 6.83
N GLY B 530 5.64 -14.30 7.04
CA GLY B 530 4.38 -13.91 6.45
C GLY B 530 3.88 -12.58 7.02
N TYR B 531 2.74 -12.16 6.47
CA TYR B 531 2.12 -10.93 6.95
C TYR B 531 1.71 -11.04 8.42
N GLY B 532 1.60 -9.88 9.05
CA GLY B 532 1.32 -9.83 10.48
C GLY B 532 -0.03 -10.41 10.84
N VAL B 533 -1.09 -9.73 10.43
CA VAL B 533 -2.43 -10.24 10.63
C VAL B 533 -3.19 -10.08 9.32
N HIS B 534 -4.50 -10.35 9.36
CA HIS B 534 -5.39 -10.13 8.24
C HIS B 534 -6.68 -9.54 8.77
N GLN B 535 -7.38 -8.77 7.95
CA GLN B 535 -8.69 -8.27 8.35
C GLN B 535 -9.60 -8.22 7.13
N TRP B 536 -10.89 -8.43 7.38
CA TRP B 536 -11.83 -8.58 6.27
C TRP B 536 -11.87 -7.32 5.43
N ALA B 537 -11.75 -7.49 4.10
CA ALA B 537 -11.66 -6.36 3.18
C ALA B 537 -13.03 -5.76 2.92
N VAL B 538 -13.06 -4.65 2.19
CA VAL B 538 -14.33 -4.06 1.81
C VAL B 538 -15.02 -5.02 0.86
N GLY B 539 -16.32 -5.19 1.05
CA GLY B 539 -17.11 -6.01 0.17
C GLY B 539 -17.07 -7.49 0.46
N ALA B 540 -16.16 -7.93 1.34
CA ALA B 540 -16.11 -9.36 1.63
C ALA B 540 -17.27 -9.72 2.53
N ASN B 541 -17.89 -10.85 2.22
CA ASN B 541 -18.91 -11.43 3.07
C ASN B 541 -18.31 -12.68 3.70
N ASP B 542 -17.96 -12.57 4.98
CA ASP B 542 -17.12 -13.57 5.62
C ASP B 542 -17.87 -14.80 6.12
N LYS B 543 -19.19 -14.68 6.37
CA LYS B 543 -20.01 -15.88 6.52
C LYS B 543 -19.86 -16.76 5.29
N GLU B 544 -19.92 -16.13 4.12
CA GLU B 544 -19.77 -16.88 2.88
C GLU B 544 -18.34 -17.42 2.73
N VAL B 545 -17.32 -16.55 2.90
CA VAL B 545 -15.95 -17.01 2.63
C VAL B 545 -15.51 -18.09 3.63
N MET B 546 -15.87 -17.95 4.90
CA MET B 546 -15.52 -18.98 5.88
C MET B 546 -16.17 -20.31 5.54
N ALA B 547 -17.43 -20.29 5.11
CA ALA B 547 -18.05 -21.51 4.61
C ALA B 547 -17.21 -22.12 3.49
N THR B 548 -16.88 -21.33 2.46
CA THR B 548 -16.10 -21.85 1.35
C THR B 548 -14.75 -22.41 1.81
N LEU B 549 -14.04 -21.67 2.65
CA LEU B 549 -12.67 -22.04 3.00
C LEU B 549 -12.56 -23.19 4.01
N SER B 550 -13.60 -23.50 4.78
CA SER B 550 -13.51 -24.62 5.70
C SER B 550 -13.26 -25.93 4.96
N GLU B 551 -13.94 -26.12 3.84
CA GLU B 551 -13.72 -27.27 2.97
C GLU B 551 -13.91 -26.80 1.54
N PRO B 552 -12.89 -26.18 0.94
CA PRO B 552 -13.01 -25.71 -0.45
C PRO B 552 -12.94 -26.84 -1.45
N LEU B 553 -12.31 -27.95 -1.06
CA LEU B 553 -12.26 -29.15 -1.86
C LEU B 553 -12.59 -30.34 -0.96
N PRO B 554 -13.18 -31.41 -1.52
CA PRO B 554 -13.51 -32.57 -0.68
C PRO B 554 -12.25 -33.08 -0.01
N ASN B 555 -12.33 -33.26 1.32
CA ASN B 555 -11.23 -33.72 2.15
C ASN B 555 -10.03 -32.78 2.17
N LEU B 556 -10.15 -31.56 1.68
CA LEU B 556 -9.12 -30.56 1.86
C LEU B 556 -9.70 -29.43 2.68
N PHE B 557 -9.05 -29.09 3.78
CA PHE B 557 -9.58 -28.10 4.69
C PHE B 557 -8.57 -26.98 4.90
N THR B 558 -9.10 -25.84 5.31
CA THR B 558 -8.29 -24.69 5.59
C THR B 558 -8.67 -24.10 6.93
N CYS B 559 -7.67 -23.57 7.63
CA CYS B 559 -7.98 -22.86 8.85
C CYS B 559 -6.81 -21.96 9.21
N GLY B 560 -7.09 -21.05 10.12
CA GLY B 560 -6.07 -20.18 10.68
C GLY B 560 -6.67 -18.83 10.96
N GLU B 561 -5.82 -17.95 11.46
CA GLU B 561 -6.28 -16.61 11.82
C GLU B 561 -6.76 -15.83 10.59
N ALA B 562 -6.13 -16.04 9.43
CA ALA B 562 -6.35 -15.18 8.28
C ALA B 562 -7.83 -15.02 7.96
N PHE B 563 -8.56 -16.12 7.87
CA PHE B 563 -9.96 -16.11 7.44
C PHE B 563 -10.88 -16.51 8.57
N SER B 564 -10.53 -16.07 9.78
CA SER B 564 -11.30 -16.34 10.99
C SER B 564 -12.33 -15.23 11.25
N ASP B 565 -13.03 -15.35 12.38
CA ASP B 565 -13.93 -14.32 12.86
C ASP B 565 -13.36 -13.59 14.06
N TYR B 566 -12.09 -13.80 14.35
CA TYR B 566 -11.41 -13.17 15.46
C TYR B 566 -9.98 -12.97 14.96
N GLN B 567 -9.83 -12.10 13.98
CA GLN B 567 -8.55 -11.93 13.33
C GLN B 567 -7.63 -11.08 14.19
N GLY B 568 -6.33 -11.29 14.01
CA GLY B 568 -5.32 -10.65 14.81
C GLY B 568 -5.01 -11.34 16.12
N TRP B 569 -5.70 -12.45 16.42
CA TRP B 569 -5.62 -13.10 17.71
C TRP B 569 -5.52 -14.62 17.52
N VAL B 570 -4.82 -15.30 18.43
CA VAL B 570 -4.77 -16.76 18.39
C VAL B 570 -6.18 -17.34 18.33
N GLU B 571 -7.11 -16.78 19.12
CA GLU B 571 -8.46 -17.33 19.21
C GLU B 571 -9.10 -17.47 17.83
N GLY B 572 -8.86 -16.50 16.96
CA GLY B 572 -9.28 -16.66 15.57
C GLY B 572 -8.76 -17.94 14.94
N ALA B 573 -7.45 -18.17 15.05
CA ALA B 573 -6.91 -19.44 14.55
C ALA B 573 -7.62 -20.62 15.21
N LEU B 574 -7.88 -20.51 16.51
CA LEU B 574 -8.58 -21.59 17.20
C LEU B 574 -9.98 -21.81 16.63
N ARG B 575 -10.80 -20.75 16.58
CA ARG B 575 -12.16 -20.92 16.10
C ARG B 575 -12.19 -21.41 14.66
N SER B 576 -11.32 -20.83 13.82
CA SER B 576 -11.25 -21.23 12.42
C SER B 576 -10.89 -22.70 12.30
N THR B 577 -9.97 -23.17 13.15
CA THR B 577 -9.64 -24.60 13.12
C THR B 577 -10.78 -25.44 13.68
N ASP B 578 -11.54 -24.91 14.63
CA ASP B 578 -12.72 -25.63 15.10
C ASP B 578 -13.72 -25.85 13.98
N LEU B 579 -13.79 -24.90 13.04
CA LEU B 579 -14.74 -25.05 11.95
C LEU B 579 -14.27 -26.10 10.96
N ALA B 580 -12.97 -26.21 10.73
CA ALA B 580 -12.46 -27.26 9.85
C ALA B 580 -12.55 -28.63 10.51
N LEU B 581 -12.33 -28.70 11.83
CA LEU B 581 -12.49 -29.98 12.52
C LEU B 581 -13.96 -30.39 12.58
N GLU B 582 -14.86 -29.41 12.78
CA GLU B 582 -16.29 -29.73 12.75
C GLU B 582 -16.71 -30.24 11.38
N LYS B 583 -16.38 -29.51 10.32
CA LYS B 583 -16.76 -29.92 8.97
C LYS B 583 -16.15 -31.28 8.63
N GLY B 584 -14.87 -31.46 8.92
CA GLY B 584 -14.17 -32.67 8.51
C GLY B 584 -14.26 -33.88 9.42
N PHE B 585 -14.20 -33.66 10.75
CA PHE B 585 -14.12 -34.78 11.68
C PHE B 585 -15.22 -34.72 12.73
N GLY B 586 -16.24 -33.88 12.54
CA GLY B 586 -17.38 -33.85 13.45
C GLY B 586 -17.01 -33.64 14.91
N LEU B 587 -16.00 -32.82 15.16
CA LEU B 587 -15.56 -32.48 16.51
C LEU B 587 -16.21 -31.17 16.92
N LYS B 588 -16.86 -31.20 18.08
CA LYS B 588 -17.55 -30.03 18.55
C LYS B 588 -16.52 -28.95 18.84
N PRO B 589 -16.90 -27.66 18.80
CA PRO B 589 -15.96 -26.61 19.18
C PRO B 589 -15.34 -26.91 20.55
N LEU B 590 -14.12 -26.40 20.76
CA LEU B 590 -13.39 -26.79 21.97
C LEU B 590 -14.01 -26.18 23.23
N SER B 591 -14.35 -24.90 23.19
CA SER B 591 -15.06 -24.31 24.31
C SER B 591 -16.31 -25.10 24.64
N GLN B 592 -16.97 -25.62 23.62
CA GLN B 592 -18.27 -26.24 23.82
C GLN B 592 -18.09 -27.66 24.34
N ALA B 593 -17.06 -28.38 23.86
CA ALA B 593 -16.77 -29.68 24.45
C ALA B 593 -16.35 -29.53 25.91
N TYR B 594 -15.63 -28.45 26.24
CA TYR B 594 -15.23 -28.24 27.62
C TYR B 594 -16.43 -28.00 28.52
N PHE B 595 -17.31 -27.08 28.12
CA PHE B 595 -18.47 -26.73 28.95
C PHE B 595 -19.31 -27.96 29.28
N GLU B 596 -19.50 -28.85 28.31
CA GLU B 596 -20.42 -29.97 28.52
C GLU B 596 -19.82 -31.04 29.41
N SER B 597 -18.49 -31.15 29.45
CA SER B 597 -17.83 -32.12 30.33
C SER B 597 -17.63 -31.60 31.74
N THR B 598 -17.59 -30.28 31.94
CA THR B 598 -17.35 -29.66 33.24
C THR B 598 -18.56 -28.92 33.80
N HIS B 599 -19.43 -28.40 32.93
CA HIS B 599 -20.59 -27.57 33.29
C HIS B 599 -20.16 -26.23 33.87
N ILE B 600 -19.02 -25.73 33.40
CA ILE B 600 -18.53 -24.39 33.68
C ILE B 600 -17.75 -23.93 32.46
N SER B 601 -17.99 -22.72 31.98
CA SER B 601 -17.29 -22.30 30.78
C SER B 601 -15.79 -22.12 31.05
N SER B 602 -15.00 -22.31 30.00
CA SER B 602 -13.55 -22.22 30.17
C SER B 602 -13.16 -20.89 30.79
N SER B 603 -13.93 -19.84 30.53
CA SER B 603 -13.64 -18.53 31.10
C SER B 603 -13.88 -18.50 32.60
N ASP B 604 -15.05 -18.97 33.03
CA ASP B 604 -15.32 -19.00 34.46
C ASP B 604 -14.31 -19.88 35.20
N ALA B 605 -13.92 -21.00 34.60
CA ALA B 605 -12.87 -21.81 35.21
C ALA B 605 -11.55 -21.05 35.30
N ILE B 606 -11.10 -20.47 34.18
CA ILE B 606 -9.79 -19.80 34.17
C ILE B 606 -9.79 -18.63 35.13
N LYS B 607 -10.91 -17.90 35.24
CA LYS B 607 -10.97 -16.80 36.18
C LYS B 607 -10.89 -17.32 37.61
N ALA B 608 -11.55 -18.45 37.88
CA ALA B 608 -11.47 -19.03 39.21
C ALA B 608 -10.03 -19.42 39.53
N VAL B 609 -9.40 -20.21 38.66
CA VAL B 609 -8.05 -20.70 38.90
C VAL B 609 -7.06 -19.54 39.02
N TYR B 610 -7.15 -18.56 38.12
CA TYR B 610 -6.23 -17.42 38.20
C TYR B 610 -6.44 -16.65 39.50
N GLU B 611 -7.70 -16.40 39.86
CA GLU B 611 -8.01 -15.77 41.13
C GLU B 611 -7.30 -16.47 42.28
N GLU B 612 -7.22 -17.81 42.24
CA GLU B 612 -6.52 -18.51 43.31
C GLU B 612 -5.02 -18.25 43.25
N ASN B 613 -4.42 -18.47 42.08
CA ASN B 613 -3.00 -18.19 41.90
C ASN B 613 -2.66 -16.76 42.27
N SER B 614 -3.44 -15.79 41.76
CA SER B 614 -3.15 -14.41 42.13
C SER B 614 -3.20 -14.25 43.64
N SER B 615 -4.23 -14.78 44.30
CA SER B 615 -4.30 -14.69 45.77
C SER B 615 -3.06 -15.27 46.43
N LYS B 616 -2.55 -16.40 45.92
CA LYS B 616 -1.37 -17.03 46.53
C LYS B 616 -0.12 -16.14 46.38
N LEU B 617 -0.01 -15.44 45.25
CA LEU B 617 1.13 -14.56 45.04
C LEU B 617 0.98 -13.24 45.80
N ILE B 618 -0.24 -12.71 45.88
CA ILE B 618 -0.47 -11.49 46.65
C ILE B 618 -0.22 -11.71 48.14
N ASN B 619 -0.50 -12.92 48.64
CA ASN B 619 -0.25 -13.20 50.04
C ASN B 619 1.23 -13.46 50.33
N GLN B 620 1.98 -13.88 49.33
CA GLN B 620 3.40 -14.16 49.53
C GLN B 620 4.29 -12.94 49.37
N TYR B 621 3.84 -11.91 48.64
CA TYR B 621 4.69 -10.74 48.38
C TYR B 621 4.07 -9.39 48.73
N ILE B 622 2.76 -9.27 48.96
CA ILE B 622 2.19 -7.92 49.09
C ILE B 622 1.35 -7.67 50.34
N GLU B 623 0.36 -8.53 50.65
CA GLU B 623 -0.56 -8.24 51.75
C GLU B 623 -1.02 -9.53 52.43
N THR B 624 -1.44 -9.39 53.70
CA THR B 624 -1.91 -10.44 54.68
C THR B 624 -0.75 -11.14 55.40
PA FAD C . -0.12 0.10 -21.37
O1A FAD C . -0.58 -0.18 -19.99
O2A FAD C . -0.50 1.48 -21.95
O5B FAD C . -0.68 -0.96 -22.41
C5B FAD C . -0.81 -2.35 -22.06
C4B FAD C . -1.97 -2.94 -22.83
O4B FAD C . -1.88 -4.37 -22.80
C3B FAD C . -3.37 -2.57 -22.33
O3B FAD C . -4.12 -1.98 -23.39
C2B FAD C . -3.96 -3.91 -21.86
O2B FAD C . -5.36 -4.01 -22.12
C1B FAD C . -3.16 -4.92 -22.67
N9A FAD C . -3.01 -6.23 -22.04
C8A FAD C . -2.67 -6.47 -20.73
N7A FAD C . -2.55 -7.73 -20.43
C5A FAD C . -2.83 -8.38 -21.62
C6A FAD C . -2.89 -9.74 -21.96
N6A FAD C . -2.66 -10.73 -21.10
N1A FAD C . -3.19 -10.05 -23.24
C2A FAD C . -3.42 -9.06 -24.11
N3A FAD C . -3.42 -7.75 -23.90
C4A FAD C . -3.10 -7.46 -22.62
N1 FAD C . 2.69 9.66 -19.85
C2 FAD C . 3.16 10.79 -20.46
O2 FAD C . 4.12 10.75 -21.22
N3 FAD C . 2.56 12.00 -20.19
C4 FAD C . 1.49 12.21 -19.36
O4 FAD C . 1.04 13.34 -19.19
C4X FAD C . 1.00 11.01 -18.72
N5 FAD C . -0.02 11.10 -17.92
C5X FAD C . -0.48 9.95 -17.31
C6 FAD C . -1.56 10.04 -16.44
C7 FAD C . -2.07 8.90 -15.82
C7M FAD C . -3.25 9.04 -14.90
C8 FAD C . -1.49 7.65 -16.08
C8M FAD C . -2.01 6.40 -15.42
C9 FAD C . -0.40 7.56 -16.94
C9A FAD C . 0.11 8.70 -17.56
N10 FAD C . 1.18 8.65 -18.46
C10 FAD C . 1.68 9.78 -19.04
C1' FAD C . 1.89 7.39 -18.72
C2' FAD C . 1.31 6.57 -19.85
O2' FAD C . -0.04 6.24 -19.52
C3' FAD C . 2.11 5.27 -19.95
O3' FAD C . 3.45 5.52 -19.57
C4' FAD C . 2.08 4.56 -21.30
O4' FAD C . 0.76 4.58 -21.83
C5' FAD C . 2.58 3.15 -21.15
O5' FAD C . 1.98 2.31 -22.17
P FAD C . 2.45 0.83 -22.36
O1P FAD C . 3.86 0.59 -21.83
O2P FAD C . 2.29 0.45 -23.78
O3P FAD C . 1.46 -0.04 -21.45
C1 GOL D . 5.49 27.23 -6.44
O1 GOL D . 5.60 26.91 -7.82
C2 GOL D . 5.90 28.71 -6.34
O2 GOL D . 7.03 28.97 -7.08
C3 GOL D . 6.10 29.00 -4.85
O3 GOL D . 7.08 30.00 -4.77
CL CL E . -0.23 15.06 9.43
CL CL F . -15.32 27.16 3.24
CL CL G . -17.45 22.23 4.01
CL CL H . 0.19 29.79 -8.99
C1 GOL I . 10.59 15.63 16.25
O1 GOL I . 11.94 15.65 16.52
C2 GOL I . 10.49 15.11 14.80
O2 GOL I . 11.25 13.97 14.57
C3 GOL I . 9.00 14.90 14.58
O3 GOL I . 8.58 16.06 13.98
PA FAD J . 0.81 -18.83 11.46
O1A FAD J . 1.38 -17.70 10.69
O2A FAD J . 1.17 -18.92 12.93
O5B FAD J . 1.24 -20.22 10.96
C5B FAD J . 1.45 -20.50 9.57
C4B FAD J . 2.55 -21.51 9.49
O4B FAD J . 2.50 -22.19 8.21
C3B FAD J . 3.97 -20.96 9.63
O3B FAD J . 4.72 -21.72 10.58
C2B FAD J . 4.55 -21.09 8.21
O2B FAD J . 5.95 -21.32 8.26
C1B FAD J . 3.81 -22.33 7.73
N9A FAD J . 3.74 -22.51 6.28
C8A FAD J . 3.26 -21.62 5.36
N7A FAD J . 3.28 -22.07 4.12
C5A FAD J . 3.80 -23.36 4.24
C6A FAD J . 4.09 -24.36 3.29
N6A FAD J . 3.88 -24.24 1.98
N1A FAD J . 4.61 -25.52 3.75
C2A FAD J . 4.82 -25.65 5.06
N3A FAD J . 4.60 -24.78 6.05
C4A FAD J . 4.08 -23.64 5.57
N1 FAD J . -2.49 -12.99 18.74
C2 FAD J . -3.00 -12.85 20.00
O2 FAD J . -3.92 -13.56 20.41
N3 FAD J . -2.49 -11.87 20.83
C4 FAD J . -1.47 -10.98 20.53
O4 FAD J . -1.09 -10.16 21.35
C4X FAD J . -0.96 -11.14 19.19
N5 FAD J . -0.01 -10.35 18.82
C5X FAD J . 0.51 -10.50 17.55
C6 FAD J . 1.53 -9.65 17.17
C7 FAD J . 2.11 -9.75 15.91
C7M FAD J . 3.22 -8.81 15.53
C8 FAD J . 1.63 -10.71 15.00
C8M FAD J . 2.23 -10.84 13.63
C9 FAD J . 0.59 -11.57 15.38
C9A FAD J . 0.04 -11.47 16.66
N10 FAD J . -1.00 -12.33 17.10
C10 FAD J . -1.53 -12.18 18.36
C1' FAD J . -1.60 -13.33 16.21
C2' FAD J . -0.90 -14.68 16.25
O2' FAD J . 0.51 -14.51 16.09
C3' FAD J . -1.41 -15.51 15.08
O3' FAD J . -2.76 -15.13 14.78
C4' FAD J . -1.42 -17.04 15.21
O4' FAD J . -0.11 -17.57 15.47
C5' FAD J . -2.03 -17.59 13.94
O5' FAD J . -1.44 -18.85 13.62
P FAD J . -1.77 -19.57 12.25
O1P FAD J . -3.17 -19.12 11.83
O2P FAD J . -1.40 -21.00 12.37
O3P FAD J . -0.76 -18.83 11.29
C1 GOL K . -11.19 20.95 6.12
O1 GOL K . -12.51 21.37 6.35
C2 GOL K . -10.98 19.63 6.87
O2 GOL K . -11.39 18.54 6.14
C3 GOL K . -9.47 19.57 7.14
O3 GOL K . -9.34 19.18 8.50
C1 GOL L . -3.84 -6.52 17.84
O1 GOL L . -3.68 -7.01 16.56
C2 GOL L . -3.00 -7.43 18.83
O2 GOL L . -2.65 -8.68 18.30
C3 GOL L . -1.75 -6.59 19.22
O3 GOL L . -1.18 -7.19 20.39
CL CL M . -1.35 6.09 30.94
CL CL N . -18.90 15.48 13.82
CL CL O . 22.47 -5.35 35.84
PT PT P . -0.82 24.18 14.66
#